data_9EOZ
#
_entry.id   9EOZ
#
_cell.length_a   1.00
_cell.length_b   1.00
_cell.length_c   1.00
_cell.angle_alpha   90.00
_cell.angle_beta   90.00
_cell.angle_gamma   90.00
#
_symmetry.space_group_name_H-M   'P 1'
#
loop_
_entity.id
_entity.type
_entity.pdbx_description
1 polymer 'N-glycosylase/DNA lyase'
2 polymer 'Histone H4'
3 polymer 'Histone H3.3'
4 polymer 'Histone H2A type 1-C'
5 polymer 'Histone H2B type 1-C/E/F/G/I'
6 polymer 'Widom 601 DNA (145-MER)'
7 polymer 'Widom 601 DNA (145-MER)'
#
loop_
_entity_poly.entity_id
_entity_poly.type
_entity_poly.pdbx_seq_one_letter_code
_entity_poly.pdbx_strand_id
1 'polypeptide(L)'
;GSSHHHHHHSQDPARALLPRRMGHRTLASTPALWASIPCPRSELRLDLVLPSGQSFRWREQSPAHWSGVLADQVWTLTQT
EEQLHCTVYRGDKSQASRPTPDELEAVRKYFQLDVTLAQLYHHWGSVDSHFQEVAQKFQGVRLLRQDPIECLFSFICSSN
NNIARITGMVERLCQAFGPRLIQLDDVTYHGFPSLQALAGPEVEAHLRKLGLGYRARYVSASARAILEEQGGLAWLQQLR
ESSYEEAHKALCILPGVGTQVADCICLMALDKPQAVPVDVHMWHIAQRDYSWHPTTSQAKGPSPQTNKELGNFFRSLWGP
YAGWAQAVLFSADLRQSRHAQEPPAKRRKGSKGPEG
;
A
2 'polypeptide(L)'
;SGRGKGGKGLGKGGAKRHRKVLRDNIQGITKPAIRRLARRGGVKRISGLIYEETRGVLKVFLENVIRDAVTYTEHAKRKT
VTAMDVVYALKRQGRTLYGFGG
;
B,F
3 'polypeptide(L)'
;ARTKQTARKSTGGKAPRKQLATKAARKSAPSTGGVKKPHRYRPGTVALREIRRYQKSTELLIRKLPFQRLVREIAQDFKT
DLRFQSAAIGALQEASEAYLVGLFEDTNLCAIHAKRVTIMPKDIQLARRIRGERA
;
E,K
4 'polypeptide(L)'
;SGRGKQGGKARAKAKSRSSRAGLQFPVGRVHRLLRKGNYAERVGAGAPVYLAAVLEYLTAEILELAGNAARDNKKTRIIP
RHLQLAIRNDEELNKLLGRVTIAQGGVLPNIQAVLLPKKTESHHKAKGK
;
G,L
5 'polypeptide(L)'
;PEPAKSAPAPKKGSKKAVTKAQKKDGKKRKRSRKESYSVYVYKVLKQVHPDTGISSKAMGIMNSFVNDIFERIAGEASRL
AHYNKRSTITSREIQTAVRLLLPGELAKHAVSEGTKAVTKYTSSK
;
H,M
6 'polydeoxyribonucleotide'
;(DA)(DT)(DC)(DA)(DG)(DA)(DA)(DT)(DC)(DC)(DC)(DG)(DG)(DT)(DG)(DC)(DC)(DG)(DA)(DG)
(DG)(DC)(DC)(DG)(DC)(DT)(DC)(DA)(DA)(DT)(DT)(DG)(DG)(DT)(DC)(DG)(DT)(DA)(DG)(DA)
(DC)(DA)(DG)(DC)(DT)(DC)(DT)(DA)(DG)(DC)(DA)(DC)(DC)(DG)(DC)(DT)(DT)(DA)(DA)(DA)
(DC)(DG)(DC)(DA)(DC)(DG)(DT)(DA)(DC)(DG)(DC)(DG)(DC)(DT)(DG)(DT)(DC)(DC)(DC)(DC)
(DC)(DG)(DC)(DG)(DT)(DT)(DT)(DT)(DA)(DA)(DC)(DC)(DG)(DC)(DC)(DA)(DA)(DG)(DG)(DG)
(DG)(DA)(DT)(DT)(DA)(DC)(DT)(DC)(DC)(DC)(DT)(DA)(DG)(DT)(DC)(DT)(DC)(DC)(DA)(DG)
(DG)(DC)(DA)(DC)(DG)(DT)(DG)(DT)(DC)(DA)(DG)(DA)(DT)(DA)(DT)(DA)(DT)(DA)(DC)(DA)
(DT)(DC)(DG)(DA)(DT)
;
Y
7 'polydeoxyribonucleotide'
;(DA)(DT)(DC)(DG)(DA)(DT)(DG)(DT)(DA)(DT)(DA)(DT)(DA)(DT)(DC)(DT)(DG)(DA)(DC)(DA)
(DC)(DG)(DT)(DG)(DC)(DC)(DT)(DG)(DG)(DA)(DG)(DA)(DC)(DT)(DA)(DG)(DG)(DG)(DA)(DG)
(DT)(DA)(DA)(DT)(DC)(DC)(DC)(DC)(DT)(DT)(DG)(DG)(DC)(DG)(DG)(DT)(DT)(DA)(DA)(DA)
(DA)(DC)(DG)(DC)(DG)(DG)(DG)(DG)(DG)(DA)(DC)(DA)(DG)(DC)(DG)(DC)(DG)(DT)(DA)(DC)
(DG)(DT)(DG)(DC)(DG)(DT)(DT)(DT)(DA)(DA)(DG)(DC)(DG)(DG)(DT)(DG)(DC)(DT)(DA)(DG)
(DA)(DG)(DC)(DT)(DG)(DT)(DC)(DT)(DA)(DC)(DG)(DA)(DC)(DC)(DA)(DA)(DT)(DT)(DG)(DA)
(DG)(DC)(DG)(DG)(DC)(DC)(DT)(DC)(DG)(DG)(DC)(DA)(DC)(DC)(DG)(DG)(8OG)(DA)(DT)
(DT)(DC)(DT)(DG)(DA)(DT)
;
Z
#
# COMPACT_ATOMS: atom_id res chain seq x y z
N LEU A 33 23.70 -17.59 -65.48
CA LEU A 33 25.12 -17.35 -65.20
C LEU A 33 25.45 -15.89 -65.49
N TRP A 34 26.72 -15.52 -65.40
CA TRP A 34 27.18 -14.14 -65.48
C TRP A 34 26.46 -13.33 -66.54
N ALA A 35 25.96 -12.17 -66.14
CA ALA A 35 25.36 -11.21 -67.04
C ALA A 35 25.78 -9.81 -66.61
N SER A 36 25.71 -8.87 -67.56
CA SER A 36 26.15 -7.52 -67.31
C SER A 36 25.29 -6.55 -68.12
N ILE A 37 25.13 -5.34 -67.61
CA ILE A 37 24.38 -4.31 -68.30
C ILE A 37 24.94 -2.95 -67.89
N PRO A 38 25.18 -2.03 -68.82
CA PRO A 38 25.85 -0.77 -68.48
C PRO A 38 24.99 0.12 -67.58
N CYS A 39 25.53 0.43 -66.40
CA CYS A 39 25.12 1.55 -65.57
C CYS A 39 26.17 1.77 -64.49
N PRO A 40 26.66 3.00 -64.33
CA PRO A 40 27.74 3.22 -63.35
C PRO A 40 27.29 2.98 -61.91
N ARG A 41 28.25 2.54 -61.09
CA ARG A 41 27.98 2.27 -59.68
C ARG A 41 27.49 3.50 -58.94
N SER A 42 27.98 4.69 -59.32
CA SER A 42 27.52 5.92 -58.70
C SER A 42 26.02 6.11 -58.90
N GLU A 43 25.48 5.63 -60.02
CA GLU A 43 24.05 5.73 -60.26
C GLU A 43 23.24 4.85 -59.31
N LEU A 44 23.84 3.76 -58.80
CA LEU A 44 23.12 2.82 -57.95
C LEU A 44 24.06 1.86 -57.23
N ARG A 45 23.87 1.71 -55.92
CA ARG A 45 24.63 0.74 -55.11
C ARG A 45 23.77 -0.51 -54.91
N LEU A 46 23.67 -1.32 -55.97
CA LEU A 46 22.94 -2.58 -55.91
C LEU A 46 23.39 -3.46 -54.75
N ASP A 47 24.63 -3.28 -54.27
CA ASP A 47 25.11 -4.07 -53.14
C ASP A 47 24.37 -3.74 -51.85
N LEU A 48 23.95 -2.48 -51.69
CA LEU A 48 23.47 -1.96 -50.42
C LEU A 48 21.99 -1.61 -50.42
N VAL A 49 21.45 -1.17 -51.56
CA VAL A 49 20.11 -0.60 -51.56
C VAL A 49 19.05 -1.68 -51.28
N LEU A 50 19.26 -2.88 -51.82
CA LEU A 50 18.19 -3.89 -51.80
C LEU A 50 17.71 -4.25 -50.40
N PRO A 51 18.57 -4.52 -49.42
CA PRO A 51 18.07 -4.82 -48.07
C PRO A 51 17.65 -3.61 -47.25
N SER A 52 17.50 -2.44 -47.88
CA SER A 52 17.26 -1.20 -47.14
C SER A 52 15.79 -1.02 -46.77
N GLY A 53 15.00 -2.09 -46.79
CA GLY A 53 13.64 -2.03 -46.30
C GLY A 53 12.61 -1.53 -47.27
N GLN A 54 12.94 -1.42 -48.56
CA GLN A 54 11.95 -1.02 -49.55
C GLN A 54 11.14 -2.21 -50.05
N SER A 55 11.81 -3.31 -50.37
CA SER A 55 11.16 -4.55 -50.77
C SER A 55 11.73 -5.68 -49.93
N PHE A 56 10.87 -6.61 -49.53
CA PHE A 56 11.23 -7.64 -48.57
C PHE A 56 11.31 -9.03 -49.18
N ARG A 57 11.32 -9.15 -50.50
CA ARG A 57 11.59 -10.42 -51.15
C ARG A 57 13.06 -10.61 -51.50
N TRP A 58 13.94 -9.75 -51.00
CA TRP A 58 15.36 -9.81 -51.32
C TRP A 58 16.15 -10.25 -50.09
N ARG A 59 16.96 -11.28 -50.28
CA ARG A 59 17.80 -11.85 -49.23
C ARG A 59 18.89 -12.67 -49.89
N GLU A 60 20.03 -12.80 -49.21
CA GLU A 60 21.20 -13.41 -49.81
C GLU A 60 21.02 -14.91 -50.04
N GLN A 61 21.48 -15.36 -51.20
CA GLN A 61 21.59 -16.77 -51.54
C GLN A 61 22.99 -17.16 -51.98
N SER A 62 23.71 -16.27 -52.65
CA SER A 62 25.09 -16.38 -53.07
C SER A 62 25.82 -15.11 -52.61
N PRO A 63 27.09 -15.21 -52.23
CA PRO A 63 27.77 -14.04 -51.66
C PRO A 63 27.80 -12.87 -52.63
N ALA A 64 27.43 -11.69 -52.13
CA ALA A 64 27.34 -10.45 -52.90
C ALA A 64 26.38 -10.55 -54.07
N HIS A 65 25.60 -11.62 -54.15
CA HIS A 65 24.67 -11.88 -55.25
C HIS A 65 23.27 -12.08 -54.67
N TRP A 66 22.56 -10.98 -54.47
CA TRP A 66 21.24 -11.02 -53.86
C TRP A 66 20.27 -11.78 -54.76
N SER A 67 19.35 -12.50 -54.13
CA SER A 67 18.31 -13.24 -54.84
C SER A 67 16.94 -12.74 -54.42
N GLY A 68 16.03 -12.68 -55.38
CA GLY A 68 14.67 -12.25 -55.12
C GLY A 68 13.81 -12.44 -56.34
N VAL A 69 12.50 -12.53 -56.09
CA VAL A 69 11.52 -12.76 -57.15
C VAL A 69 10.83 -11.45 -57.50
N LEU A 70 10.72 -11.19 -58.79
CA LEU A 70 9.90 -10.12 -59.33
C LEU A 70 9.47 -10.56 -60.72
N ALA A 71 8.34 -10.03 -61.17
CA ALA A 71 7.77 -10.41 -62.46
C ALA A 71 7.63 -11.93 -62.57
N ASP A 72 7.33 -12.56 -61.44
CA ASP A 72 7.08 -14.01 -61.37
C ASP A 72 8.28 -14.80 -61.90
N GLN A 73 9.48 -14.33 -61.58
CA GLN A 73 10.70 -15.09 -61.85
C GLN A 73 11.82 -14.58 -60.95
N VAL A 74 12.88 -15.37 -60.86
CA VAL A 74 13.97 -15.13 -59.91
C VAL A 74 15.12 -14.43 -60.62
N TRP A 75 15.73 -13.47 -59.93
CA TRP A 75 16.82 -12.68 -60.48
C TRP A 75 17.97 -12.62 -59.48
N THR A 76 19.19 -12.45 -60.00
CA THR A 76 20.38 -12.25 -59.19
C THR A 76 20.95 -10.86 -59.46
N LEU A 77 21.26 -10.12 -58.41
CA LEU A 77 21.66 -8.72 -58.54
C LEU A 77 23.01 -8.48 -57.88
N THR A 78 23.98 -8.03 -58.67
CA THR A 78 25.23 -7.45 -58.19
C THR A 78 25.62 -6.34 -59.15
N GLN A 79 26.82 -5.77 -58.96
CA GLN A 79 27.21 -4.63 -59.78
C GLN A 79 28.72 -4.55 -59.92
N THR A 80 29.17 -4.12 -61.10
CA THR A 80 30.55 -3.75 -61.35
C THR A 80 30.60 -2.23 -61.57
N GLU A 81 31.82 -1.73 -61.80
CA GLU A 81 32.01 -0.28 -61.84
C GLU A 81 31.36 0.36 -63.07
N GLU A 82 31.74 -0.10 -64.26
CA GLU A 82 31.27 0.49 -65.51
C GLU A 82 29.94 -0.08 -65.99
N GLN A 83 29.43 -1.14 -65.37
CA GLN A 83 28.17 -1.74 -65.75
C GLN A 83 27.52 -2.32 -64.50
N LEU A 84 26.25 -2.67 -64.63
CA LEU A 84 25.63 -3.50 -63.60
C LEU A 84 25.63 -4.96 -64.04
N HIS A 85 25.14 -5.82 -63.15
CA HIS A 85 24.94 -7.23 -63.43
C HIS A 85 23.49 -7.57 -63.13
N CYS A 86 22.86 -8.31 -64.03
CA CYS A 86 21.51 -8.83 -63.78
C CYS A 86 21.30 -10.05 -64.66
N THR A 87 21.21 -11.22 -64.04
CA THR A 87 21.07 -12.48 -64.76
C THR A 87 19.81 -13.20 -64.30
N VAL A 88 19.31 -14.09 -65.16
CA VAL A 88 18.02 -14.74 -64.96
C VAL A 88 18.15 -16.23 -65.25
N TYR A 89 17.12 -16.96 -64.86
CA TYR A 89 17.04 -18.40 -65.11
C TYR A 89 16.27 -18.66 -66.40
N ARG A 90 16.62 -19.77 -67.06
CA ARG A 90 15.96 -20.15 -68.31
C ARG A 90 15.42 -21.56 -68.22
N SER A 94 17.97 -25.24 -67.61
CA SER A 94 19.42 -25.36 -67.42
C SER A 94 20.18 -24.58 -68.48
N GLN A 95 19.48 -24.24 -69.57
CA GLN A 95 20.08 -23.49 -70.67
C GLN A 95 20.10 -21.99 -70.36
N ALA A 96 20.76 -21.66 -69.25
CA ALA A 96 20.84 -20.29 -68.76
C ALA A 96 22.17 -19.67 -69.17
N SER A 97 22.11 -18.64 -69.99
CA SER A 97 23.32 -17.92 -70.38
C SER A 97 23.24 -16.42 -70.14
N ARG A 98 22.11 -15.80 -70.44
CA ARG A 98 21.95 -14.36 -70.40
C ARG A 98 20.46 -14.04 -70.36
N PRO A 99 20.08 -12.83 -69.95
CA PRO A 99 18.68 -12.43 -69.96
C PRO A 99 18.25 -11.83 -71.30
N THR A 100 16.93 -11.74 -71.49
CA THR A 100 16.34 -11.17 -72.69
C THR A 100 16.15 -9.67 -72.55
N PRO A 101 16.04 -8.95 -73.68
CA PRO A 101 15.89 -7.48 -73.61
C PRO A 101 14.66 -7.05 -72.82
N ASP A 102 13.54 -7.74 -72.98
CA ASP A 102 12.31 -7.31 -72.31
C ASP A 102 12.40 -7.48 -70.80
N GLU A 103 12.91 -8.63 -70.34
CA GLU A 103 13.10 -8.81 -68.90
C GLU A 103 14.13 -7.82 -68.37
N LEU A 104 15.19 -7.59 -69.12
CA LEU A 104 16.21 -6.62 -68.70
C LEU A 104 15.62 -5.23 -68.53
N GLU A 105 14.80 -4.81 -69.49
CA GLU A 105 14.22 -3.47 -69.39
C GLU A 105 13.17 -3.41 -68.30
N ALA A 106 12.40 -4.48 -68.08
CA ALA A 106 11.45 -4.51 -66.97
C ALA A 106 12.16 -4.35 -65.63
N VAL A 107 13.25 -5.08 -65.42
CA VAL A 107 13.95 -5.00 -64.14
C VAL A 107 14.65 -3.65 -64.00
N ARG A 108 15.26 -3.14 -65.07
CA ARG A 108 15.92 -1.84 -65.00
C ARG A 108 14.91 -0.72 -64.73
N LYS A 109 13.75 -0.78 -65.37
CA LYS A 109 12.66 0.15 -65.08
C LYS A 109 12.22 0.04 -63.63
N TYR A 110 12.13 -1.20 -63.11
CA TYR A 110 11.96 -1.39 -61.67
C TYR A 110 12.99 -0.59 -60.90
N PHE A 111 14.24 -0.64 -61.35
CA PHE A 111 15.29 0.16 -60.74
C PHE A 111 15.18 1.63 -61.12
N GLN A 112 14.41 1.95 -62.16
CA GLN A 112 14.26 3.33 -62.61
C GLN A 112 15.61 3.93 -62.99
N LEU A 113 16.51 3.09 -63.52
CA LEU A 113 17.87 3.55 -63.78
C LEU A 113 17.95 4.57 -64.89
N ASP A 114 16.87 4.82 -65.61
CA ASP A 114 16.87 5.81 -66.67
C ASP A 114 16.89 7.25 -66.13
N VAL A 115 17.09 7.47 -64.83
CA VAL A 115 17.32 8.79 -64.26
C VAL A 115 18.75 8.86 -63.77
N THR A 116 19.44 9.96 -64.07
CA THR A 116 20.82 10.18 -63.65
C THR A 116 20.80 10.64 -62.19
N LEU A 117 20.94 9.67 -61.28
CA LEU A 117 20.82 9.96 -59.85
C LEU A 117 22.06 10.65 -59.31
N ALA A 118 23.25 10.33 -59.85
CA ALA A 118 24.49 10.79 -59.26
C ALA A 118 24.57 12.31 -59.22
N GLN A 119 24.16 12.97 -60.30
CA GLN A 119 24.31 14.43 -60.38
C GLN A 119 23.57 15.15 -59.27
N LEU A 120 22.49 14.57 -58.75
CA LEU A 120 21.63 15.26 -57.81
C LEU A 120 22.38 15.70 -56.56
N TYR A 121 23.52 15.06 -56.26
CA TYR A 121 24.34 15.53 -55.16
C TYR A 121 24.81 16.97 -55.38
N HIS A 122 25.00 17.36 -56.64
CA HIS A 122 25.36 18.74 -56.94
C HIS A 122 24.30 19.73 -56.46
N HIS A 123 23.04 19.31 -56.45
CA HIS A 123 21.94 20.17 -56.03
C HIS A 123 21.62 20.00 -54.56
N TRP A 124 21.98 18.85 -53.99
CA TRP A 124 21.57 18.59 -52.63
C TRP A 124 22.63 19.03 -51.64
N GLY A 125 23.89 18.84 -51.97
CA GLY A 125 24.94 19.31 -51.08
C GLY A 125 24.85 20.81 -50.89
N SER A 126 24.53 21.54 -51.96
CA SER A 126 24.39 22.98 -51.89
C SER A 126 23.02 23.45 -51.43
N VAL A 127 21.99 22.59 -51.39
CA VAL A 127 20.72 23.04 -50.88
C VAL A 127 20.49 22.65 -49.41
N ASP A 128 21.15 21.60 -48.93
CA ASP A 128 20.98 21.13 -47.56
C ASP A 128 22.34 20.86 -46.94
N SER A 129 22.58 21.47 -45.77
CA SER A 129 23.88 21.38 -45.12
C SER A 129 24.21 19.96 -44.69
N HIS A 130 23.23 19.24 -44.14
CA HIS A 130 23.51 17.87 -43.70
C HIS A 130 23.65 16.92 -44.88
N PHE A 131 22.80 17.09 -45.90
CA PHE A 131 22.99 16.26 -47.08
C PHE A 131 24.31 16.56 -47.77
N GLN A 132 24.90 17.74 -47.53
CA GLN A 132 26.28 17.97 -47.97
C GLN A 132 27.23 16.96 -47.35
N GLU A 133 27.14 16.76 -46.02
CA GLU A 133 28.03 15.81 -45.37
C GLU A 133 27.70 14.38 -45.80
N VAL A 134 26.42 14.08 -46.04
CA VAL A 134 26.06 12.76 -46.53
C VAL A 134 26.64 12.52 -47.92
N ALA A 135 26.54 13.53 -48.80
CA ALA A 135 27.02 13.41 -50.17
C ALA A 135 28.53 13.25 -50.23
N GLN A 136 29.26 14.04 -49.44
CA GLN A 136 30.71 13.89 -49.43
C GLN A 136 31.15 12.60 -48.74
N LYS A 137 30.23 11.87 -48.10
CA LYS A 137 30.57 10.61 -47.46
C LYS A 137 30.42 9.43 -48.42
N PHE A 138 29.21 9.23 -48.94
CA PHE A 138 28.93 8.06 -49.76
C PHE A 138 27.87 8.43 -50.80
N GLN A 139 27.78 7.60 -51.83
CA GLN A 139 26.95 7.90 -52.99
C GLN A 139 26.26 6.63 -53.48
N GLY A 140 25.16 6.84 -54.21
CA GLY A 140 24.50 5.75 -54.91
C GLY A 140 23.31 5.11 -54.22
N VAL A 141 22.35 5.92 -53.75
CA VAL A 141 21.13 5.41 -53.15
C VAL A 141 19.93 6.03 -53.86
N ARG A 142 19.01 5.19 -54.30
CA ARG A 142 17.85 5.64 -55.06
C ARG A 142 16.61 4.89 -54.58
N LEU A 143 15.52 5.04 -55.33
CA LEU A 143 14.29 4.31 -55.09
C LEU A 143 13.97 3.38 -56.26
N LEU A 144 13.22 2.32 -55.97
CA LEU A 144 12.87 1.30 -56.94
C LEU A 144 11.36 1.16 -57.02
N ARG A 145 10.87 0.55 -58.10
CA ARG A 145 9.45 0.47 -58.41
C ARG A 145 9.00 -0.99 -58.43
N GLN A 146 8.47 -1.46 -57.30
CA GLN A 146 7.80 -2.74 -57.25
C GLN A 146 6.31 -2.55 -57.52
N ASP A 147 5.57 -3.65 -57.49
CA ASP A 147 4.13 -3.56 -57.73
C ASP A 147 3.47 -2.82 -56.56
N PRO A 148 2.46 -1.99 -56.83
CA PRO A 148 1.75 -1.33 -55.73
C PRO A 148 1.13 -2.28 -54.73
N ILE A 149 0.63 -3.44 -55.16
CA ILE A 149 0.05 -4.39 -54.20
C ILE A 149 1.14 -4.90 -53.25
N GLU A 150 2.31 -5.24 -53.79
CA GLU A 150 3.40 -5.72 -52.96
C GLU A 150 3.86 -4.63 -52.01
N CYS A 151 3.99 -3.40 -52.51
CA CYS A 151 4.37 -2.28 -51.66
C CYS A 151 3.38 -2.11 -50.51
N LEU A 152 2.08 -2.07 -50.85
CA LEU A 152 1.04 -1.85 -49.85
C LEU A 152 1.07 -2.93 -48.77
N PHE A 153 1.11 -4.20 -49.17
CA PHE A 153 1.04 -5.26 -48.18
C PHE A 153 2.34 -5.37 -47.37
N SER A 154 3.49 -5.19 -48.02
CA SER A 154 4.76 -5.24 -47.32
C SER A 154 4.83 -4.16 -46.26
N PHE A 155 4.42 -2.93 -46.59
CA PHE A 155 4.44 -1.86 -45.61
C PHE A 155 3.32 -1.99 -44.59
N ILE A 156 2.22 -2.67 -44.91
CA ILE A 156 1.24 -3.01 -43.88
C ILE A 156 1.87 -3.92 -42.85
N CYS A 157 2.64 -4.91 -43.31
CA CYS A 157 3.35 -5.77 -42.37
C CYS A 157 4.45 -5.04 -41.62
N SER A 158 4.81 -3.83 -42.05
CA SER A 158 5.93 -3.10 -41.48
C SER A 158 5.53 -2.18 -40.33
N SER A 159 4.26 -2.14 -39.94
CA SER A 159 3.84 -1.26 -38.87
C SER A 159 4.49 -1.65 -37.55
N ASN A 160 5.25 -0.71 -36.97
CA ASN A 160 5.93 -0.91 -35.68
C ASN A 160 6.64 -2.26 -35.66
N ASN A 161 7.63 -2.40 -36.54
CA ASN A 161 8.33 -3.65 -36.69
C ASN A 161 9.73 -3.40 -37.24
N ASN A 162 10.60 -4.39 -37.07
CA ASN A 162 11.96 -4.34 -37.59
C ASN A 162 12.03 -5.02 -38.95
N ILE A 163 13.03 -4.61 -39.73
CA ILE A 163 13.13 -5.07 -41.12
C ILE A 163 13.28 -6.58 -41.19
N ALA A 164 14.08 -7.17 -40.31
CA ALA A 164 14.26 -8.62 -40.33
C ALA A 164 12.93 -9.33 -40.09
N ARG A 165 12.18 -8.88 -39.09
CA ARG A 165 10.91 -9.55 -38.80
C ARG A 165 9.92 -9.35 -39.94
N ILE A 166 9.90 -8.17 -40.56
CA ILE A 166 9.00 -7.99 -41.70
C ILE A 166 9.40 -8.91 -42.85
N THR A 167 10.71 -9.10 -43.05
CA THR A 167 11.17 -10.02 -44.08
C THR A 167 10.68 -11.44 -43.81
N GLY A 168 10.89 -11.92 -42.58
CA GLY A 168 10.41 -13.26 -42.25
C GLY A 168 8.90 -13.39 -42.36
N MET A 169 8.18 -12.36 -41.92
CA MET A 169 6.73 -12.37 -41.96
C MET A 169 6.21 -12.41 -43.38
N VAL A 170 6.83 -11.64 -44.29
CA VAL A 170 6.42 -11.68 -45.69
C VAL A 170 6.73 -13.03 -46.29
N GLU A 171 7.90 -13.59 -46.00
CA GLU A 171 8.23 -14.92 -46.52
C GLU A 171 7.23 -15.96 -46.03
N ARG A 172 6.75 -15.82 -44.80
CA ARG A 172 5.75 -16.75 -44.28
C ARG A 172 4.41 -16.52 -44.95
N LEU A 173 3.98 -15.28 -45.10
CA LEU A 173 2.65 -15.02 -45.64
C LEU A 173 2.58 -15.49 -47.08
N CYS A 174 3.63 -15.18 -47.86
CA CYS A 174 3.68 -15.63 -49.24
C CYS A 174 3.68 -17.15 -49.34
N GLN A 175 4.47 -17.83 -48.50
CA GLN A 175 4.47 -19.28 -48.59
C GLN A 175 3.10 -19.83 -48.24
N ALA A 176 2.47 -19.27 -47.19
CA ALA A 176 1.21 -19.80 -46.69
C ALA A 176 0.10 -19.66 -47.72
N PHE A 177 0.00 -18.50 -48.38
CA PHE A 177 -1.11 -18.23 -49.28
C PHE A 177 -0.71 -18.11 -50.74
N GLY A 178 0.23 -17.23 -51.07
CA GLY A 178 0.55 -16.98 -52.45
C GLY A 178 1.25 -18.16 -53.09
N PRO A 179 1.21 -18.23 -54.42
CA PRO A 179 1.72 -19.41 -55.12
C PRO A 179 3.22 -19.56 -54.96
N ARG A 180 3.67 -20.80 -55.11
CA ARG A 180 5.09 -21.12 -55.23
C ARG A 180 5.52 -20.86 -56.67
N LEU A 181 6.32 -19.83 -56.87
CA LEU A 181 6.72 -19.46 -58.24
C LEU A 181 8.03 -20.12 -58.60
N TYR A 189 10.97 -19.61 -53.07
CA TYR A 189 10.42 -18.27 -53.25
C TYR A 189 8.98 -18.36 -53.71
N HIS A 190 8.06 -17.84 -52.91
CA HIS A 190 6.63 -17.92 -53.17
C HIS A 190 6.06 -16.53 -53.43
N GLY A 191 5.16 -16.44 -54.41
CA GLY A 191 4.69 -15.17 -54.90
C GLY A 191 3.54 -14.57 -54.10
N PHE A 192 3.23 -13.32 -54.42
CA PHE A 192 2.07 -12.67 -53.83
C PHE A 192 0.78 -13.31 -54.35
N PRO A 193 -0.22 -13.46 -53.50
CA PRO A 193 -1.50 -14.03 -53.93
C PRO A 193 -2.30 -12.99 -54.72
N SER A 194 -3.45 -13.43 -55.21
CA SER A 194 -4.35 -12.52 -55.91
C SER A 194 -5.06 -11.60 -54.92
N LEU A 195 -5.69 -10.55 -55.46
CA LEU A 195 -6.43 -9.61 -54.62
C LEU A 195 -7.53 -10.32 -53.84
N GLN A 196 -8.35 -11.11 -54.52
CA GLN A 196 -9.38 -11.88 -53.84
C GLN A 196 -8.76 -13.00 -53.02
N ALA A 197 -7.77 -13.70 -53.57
CA ALA A 197 -7.17 -14.85 -52.91
C ALA A 197 -6.45 -14.47 -51.62
N LEU A 198 -6.19 -13.18 -51.40
CA LEU A 198 -5.62 -12.73 -50.14
C LEU A 198 -6.61 -12.77 -48.99
N ALA A 199 -7.90 -12.99 -49.27
CA ALA A 199 -8.92 -13.15 -48.25
C ALA A 199 -9.68 -14.43 -48.50
N GLY A 200 -10.56 -14.78 -47.56
CA GLY A 200 -11.32 -16.00 -47.65
C GLY A 200 -12.45 -16.08 -46.65
N PRO A 201 -13.08 -17.24 -46.56
CA PRO A 201 -14.24 -17.39 -45.67
C PRO A 201 -13.85 -17.43 -44.20
N GLU A 202 -13.52 -16.25 -43.64
CA GLU A 202 -13.18 -16.12 -42.23
C GLU A 202 -12.01 -17.03 -41.83
N VAL A 203 -11.11 -17.30 -42.78
CA VAL A 203 -9.90 -18.05 -42.50
C VAL A 203 -8.82 -17.09 -42.03
N GLU A 204 -9.22 -15.85 -41.73
CA GLU A 204 -8.27 -14.82 -41.34
C GLU A 204 -7.50 -15.19 -40.08
N ALA A 205 -8.03 -16.10 -39.26
CA ALA A 205 -7.26 -16.62 -38.14
C ALA A 205 -6.00 -17.35 -38.60
N HIS A 206 -5.97 -17.80 -39.86
CA HIS A 206 -4.82 -18.53 -40.38
C HIS A 206 -3.58 -17.66 -40.34
N LEU A 207 -3.73 -16.38 -40.73
CA LEU A 207 -2.58 -15.50 -40.85
C LEU A 207 -1.89 -15.30 -39.50
N ARG A 208 -2.66 -15.26 -38.41
CA ARG A 208 -2.08 -15.14 -37.08
C ARG A 208 -1.09 -16.26 -36.78
N LYS A 209 -1.31 -17.44 -37.34
CA LYS A 209 -0.38 -18.56 -37.17
C LYS A 209 0.96 -18.31 -37.83
N LEU A 210 1.05 -17.34 -38.72
CA LEU A 210 2.31 -17.02 -39.40
C LEU A 210 3.15 -16.02 -38.64
N GLY A 211 2.74 -15.61 -37.45
CA GLY A 211 3.43 -14.56 -36.72
C GLY A 211 2.97 -13.16 -37.06
N LEU A 212 1.92 -13.02 -37.86
CA LEU A 212 1.49 -11.70 -38.32
C LEU A 212 0.96 -10.83 -37.19
N GLY A 213 0.54 -11.43 -36.08
CA GLY A 213 0.08 -10.63 -34.96
C GLY A 213 -1.17 -9.82 -35.31
N TYR A 214 -1.26 -8.64 -34.71
CA TYR A 214 -2.44 -7.80 -34.89
C TYR A 214 -2.61 -7.35 -36.34
N ARG A 215 -1.55 -7.43 -37.15
CA ARG A 215 -1.61 -6.98 -38.53
C ARG A 215 -2.50 -7.87 -39.39
N ALA A 216 -2.89 -9.05 -38.90
CA ALA A 216 -3.76 -9.92 -39.68
C ALA A 216 -5.13 -9.28 -39.89
N ARG A 217 -5.68 -8.66 -38.84
CA ARG A 217 -6.96 -7.96 -38.98
C ARG A 217 -6.84 -6.85 -40.01
N TYR A 218 -5.76 -6.06 -39.93
CA TYR A 218 -5.52 -5.01 -40.92
C TYR A 218 -5.51 -5.59 -42.33
N VAL A 219 -4.74 -6.65 -42.53
CA VAL A 219 -4.58 -7.22 -43.86
C VAL A 219 -5.92 -7.72 -44.40
N SER A 220 -6.65 -8.45 -43.56
CA SER A 220 -7.94 -9.01 -43.99
C SER A 220 -8.91 -7.90 -44.36
N ALA A 221 -9.06 -6.91 -43.47
CA ALA A 221 -10.00 -5.83 -43.73
C ALA A 221 -9.62 -5.05 -44.99
N SER A 222 -8.34 -4.74 -45.15
CA SER A 222 -7.92 -3.96 -46.32
C SER A 222 -8.08 -4.77 -47.60
N ALA A 223 -7.78 -6.07 -47.55
CA ALA A 223 -7.94 -6.91 -48.73
C ALA A 223 -9.40 -7.03 -49.13
N ARG A 224 -10.29 -7.14 -48.15
CA ARG A 224 -11.72 -7.17 -48.48
C ARG A 224 -12.18 -5.83 -49.03
N ALA A 225 -11.69 -4.73 -48.46
CA ALA A 225 -12.12 -3.40 -48.87
C ALA A 225 -11.68 -3.08 -50.30
N ILE A 226 -10.40 -3.33 -50.62
CA ILE A 226 -9.90 -2.99 -51.96
C ILE A 226 -10.74 -3.68 -53.02
N LEU A 227 -11.34 -4.82 -52.69
CA LEU A 227 -12.21 -5.52 -53.63
C LEU A 227 -13.62 -4.94 -53.61
N GLU A 228 -14.21 -4.84 -52.41
CA GLU A 228 -15.64 -4.60 -52.31
C GLU A 228 -16.02 -3.13 -52.42
N GLU A 229 -15.06 -2.20 -52.33
CA GLU A 229 -15.39 -0.79 -52.45
C GLU A 229 -14.40 -0.03 -53.31
N GLN A 230 -13.49 -0.71 -54.00
CA GLN A 230 -12.51 -0.04 -54.85
C GLN A 230 -12.28 -0.88 -56.11
N GLY A 231 -11.64 -0.25 -57.10
CA GLY A 231 -11.47 -0.83 -58.41
C GLY A 231 -10.15 -1.53 -58.64
N GLY A 232 -9.65 -2.23 -57.63
CA GLY A 232 -8.54 -3.15 -57.81
C GLY A 232 -7.32 -2.53 -58.47
N LEU A 233 -6.83 -3.19 -59.53
CA LEU A 233 -5.59 -2.80 -60.16
C LEU A 233 -5.72 -1.48 -60.91
N ALA A 234 -6.84 -1.28 -61.60
CA ALA A 234 -7.09 0.00 -62.26
C ALA A 234 -7.17 1.13 -61.23
N TRP A 235 -7.77 0.86 -60.07
CA TRP A 235 -7.81 1.85 -58.99
C TRP A 235 -6.40 2.20 -58.55
N LEU A 236 -5.57 1.18 -58.32
CA LEU A 236 -4.20 1.41 -57.88
C LEU A 236 -3.42 2.22 -58.91
N GLN A 237 -3.55 1.88 -60.19
CA GLN A 237 -2.94 2.68 -61.24
C GLN A 237 -3.45 4.11 -61.20
N GLN A 238 -4.76 4.27 -60.97
CA GLN A 238 -5.35 5.59 -60.83
C GLN A 238 -4.61 6.39 -59.77
N LEU A 239 -4.30 5.77 -58.63
CA LEU A 239 -3.46 6.44 -57.63
C LEU A 239 -2.05 6.68 -58.14
N ARG A 240 -1.56 5.87 -59.07
CA ARG A 240 -0.28 6.18 -59.69
C ARG A 240 -0.40 7.36 -60.66
N GLU A 241 -1.61 7.64 -61.13
CA GLU A 241 -1.89 8.78 -61.99
C GLU A 241 -2.86 9.74 -61.31
N SER A 242 -2.66 9.95 -60.01
CA SER A 242 -3.39 10.94 -59.23
C SER A 242 -2.40 11.82 -58.47
N SER A 243 -2.81 13.05 -58.21
CA SER A 243 -1.94 14.03 -57.57
C SER A 243 -1.46 13.51 -56.21
N TYR A 244 -0.45 14.21 -55.65
CA TYR A 244 0.15 13.75 -54.41
C TYR A 244 -0.85 13.73 -53.27
N GLU A 245 -1.55 14.84 -53.05
CA GLU A 245 -2.48 14.91 -51.93
C GLU A 245 -3.70 14.02 -52.14
N GLU A 246 -4.13 13.85 -53.41
CA GLU A 246 -5.24 12.96 -53.68
C GLU A 246 -4.86 11.50 -53.42
N ALA A 247 -3.67 11.10 -53.88
CA ALA A 247 -3.22 9.74 -53.62
C ALA A 247 -3.04 9.51 -52.12
N HIS A 248 -2.51 10.52 -51.42
CA HIS A 248 -2.38 10.44 -49.96
C HIS A 248 -3.72 10.16 -49.31
N LYS A 249 -4.72 10.98 -49.62
CA LYS A 249 -6.04 10.82 -49.01
C LYS A 249 -6.66 9.48 -49.38
N ALA A 250 -6.56 9.08 -50.65
CA ALA A 250 -7.13 7.81 -51.08
C ALA A 250 -6.49 6.64 -50.37
N LEU A 251 -5.16 6.66 -50.21
CA LEU A 251 -4.47 5.57 -49.54
C LEU A 251 -4.81 5.51 -48.06
N CYS A 252 -4.80 6.66 -47.39
CA CYS A 252 -5.09 6.67 -45.96
C CYS A 252 -6.47 6.11 -45.64
N ILE A 253 -7.41 6.14 -46.58
CA ILE A 253 -8.77 5.69 -46.26
C ILE A 253 -8.84 4.19 -46.03
N LEU A 254 -7.93 3.39 -46.62
CA LEU A 254 -8.06 1.97 -46.39
C LEU A 254 -7.53 1.57 -45.01
N PRO A 255 -8.06 0.51 -44.42
CA PRO A 255 -7.52 0.03 -43.15
C PRO A 255 -6.13 -0.56 -43.30
N GLY A 256 -5.37 -0.50 -42.21
CA GLY A 256 -4.05 -1.09 -42.16
C GLY A 256 -2.93 -0.21 -42.65
N VAL A 257 -3.25 0.91 -43.30
CA VAL A 257 -2.26 1.85 -43.82
C VAL A 257 -2.51 3.21 -43.20
N GLY A 258 -1.46 3.81 -42.64
CA GLY A 258 -1.55 5.11 -42.02
C GLY A 258 -0.77 6.15 -42.80
N THR A 259 -0.41 7.23 -42.09
CA THR A 259 0.33 8.32 -42.73
C THR A 259 1.66 7.83 -43.29
N GLN A 260 2.41 7.07 -42.49
CA GLN A 260 3.76 6.67 -42.90
C GLN A 260 3.73 5.59 -43.97
N VAL A 261 2.82 4.62 -43.84
CA VAL A 261 2.69 3.59 -44.87
C VAL A 261 2.22 4.21 -46.19
N ALA A 262 1.25 5.12 -46.13
CA ALA A 262 0.81 5.82 -47.32
C ALA A 262 1.95 6.62 -47.95
N ASP A 263 2.75 7.27 -47.11
CA ASP A 263 3.92 8.00 -47.62
C ASP A 263 4.86 7.06 -48.34
N CYS A 264 5.12 5.88 -47.78
CA CYS A 264 6.01 4.93 -48.43
C CYS A 264 5.45 4.45 -49.76
N ILE A 265 4.14 4.18 -49.80
CA ILE A 265 3.54 3.72 -51.06
C ILE A 265 3.62 4.82 -52.11
N CYS A 266 3.39 6.07 -51.71
CA CYS A 266 3.56 7.16 -52.66
C CYS A 266 5.02 7.28 -53.12
N LEU A 267 5.97 7.14 -52.19
CA LEU A 267 7.37 7.32 -52.54
C LEU A 267 7.85 6.26 -53.52
N MET A 268 7.49 5.00 -53.28
CA MET A 268 7.88 3.93 -54.20
C MET A 268 6.64 3.15 -54.61
N ALA A 269 6.66 2.67 -55.85
CA ALA A 269 5.63 1.85 -56.50
C ALA A 269 4.43 2.69 -56.94
N LEU A 270 4.37 3.97 -56.58
CA LEU A 270 3.36 4.90 -57.09
C LEU A 270 3.97 6.17 -57.66
N ASP A 271 5.30 6.33 -57.62
CA ASP A 271 6.01 7.37 -58.37
C ASP A 271 5.58 8.76 -57.91
N LYS A 272 5.87 9.05 -56.63
CA LYS A 272 5.65 10.37 -56.05
C LYS A 272 6.94 10.77 -55.34
N PRO A 273 7.95 11.21 -56.09
CA PRO A 273 9.26 11.52 -55.48
C PRO A 273 9.23 12.65 -54.45
N GLN A 274 8.22 13.51 -54.46
CA GLN A 274 8.17 14.57 -53.46
C GLN A 274 7.82 14.05 -52.06
N ALA A 275 7.31 12.82 -51.96
CA ALA A 275 6.89 12.26 -50.69
C ALA A 275 8.08 11.96 -49.79
N VAL A 276 8.00 12.38 -48.54
CA VAL A 276 9.04 12.13 -47.55
C VAL A 276 8.50 11.36 -46.35
N PRO A 277 8.48 10.02 -46.40
CA PRO A 277 7.94 9.26 -45.27
C PRO A 277 8.67 9.59 -43.98
N VAL A 278 7.92 9.65 -42.88
CA VAL A 278 8.49 9.92 -41.56
C VAL A 278 8.51 8.59 -40.79
N ASP A 279 9.59 7.83 -40.98
CA ASP A 279 9.79 6.63 -40.18
C ASP A 279 10.58 7.00 -38.93
N VAL A 280 10.67 6.06 -37.98
CA VAL A 280 11.35 6.38 -36.73
C VAL A 280 12.79 6.83 -36.99
N HIS A 281 13.46 6.21 -37.96
CA HIS A 281 14.81 6.65 -38.30
C HIS A 281 14.81 8.08 -38.81
N MET A 282 13.84 8.44 -39.66
CA MET A 282 13.76 9.80 -40.16
C MET A 282 13.54 10.79 -39.01
N TRP A 283 12.62 10.46 -38.11
CA TRP A 283 12.30 11.37 -37.02
C TRP A 283 13.50 11.56 -36.10
N HIS A 284 14.19 10.47 -35.78
CA HIS A 284 15.37 10.56 -34.93
C HIS A 284 16.49 11.35 -35.61
N ILE A 285 16.68 11.14 -36.92
CA ILE A 285 17.70 11.89 -37.63
C ILE A 285 17.33 13.37 -37.67
N ALA A 286 16.05 13.67 -37.80
CA ALA A 286 15.60 15.06 -37.72
C ALA A 286 15.93 15.65 -36.36
N GLN A 287 15.66 14.90 -35.28
CA GLN A 287 15.97 15.40 -33.96
C GLN A 287 17.47 15.68 -33.80
N ARG A 288 18.31 14.79 -34.30
CA ARG A 288 19.75 14.92 -34.12
C ARG A 288 20.41 15.79 -35.19
N ASP A 289 19.64 16.29 -36.15
CA ASP A 289 20.14 17.20 -37.18
C ASP A 289 19.62 18.62 -37.01
N TYR A 290 18.30 18.81 -36.96
CA TYR A 290 17.68 20.11 -36.82
C TYR A 290 16.20 19.93 -36.49
N SER A 291 15.69 20.68 -35.52
CA SER A 291 14.29 20.58 -35.16
C SER A 291 13.80 21.91 -34.62
N TRP A 292 12.50 22.11 -34.72
CA TRP A 292 11.83 23.32 -34.23
C TRP A 292 10.66 23.02 -33.31
N HIS A 293 9.91 21.95 -33.57
CA HIS A 293 8.74 21.63 -32.77
C HIS A 293 8.71 20.16 -32.41
N PRO A 302 5.14 12.90 -31.01
CA PRO A 302 4.68 13.33 -32.34
C PRO A 302 3.18 13.14 -32.54
N SER A 303 2.58 13.97 -33.39
CA SER A 303 1.15 13.92 -33.66
C SER A 303 0.94 14.04 -35.16
N PRO A 304 -0.27 13.81 -35.69
CA PRO A 304 -0.47 13.98 -37.14
C PRO A 304 -0.14 15.37 -37.64
N GLN A 305 -0.49 16.42 -36.88
CA GLN A 305 -0.15 17.78 -37.30
C GLN A 305 1.35 17.98 -37.35
N THR A 306 2.06 17.50 -36.33
CA THR A 306 3.51 17.64 -36.29
C THR A 306 4.16 16.89 -37.44
N ASN A 307 3.67 15.68 -37.74
CA ASN A 307 4.21 14.93 -38.87
C ASN A 307 3.95 15.65 -40.18
N LYS A 308 2.75 16.22 -40.33
CA LYS A 308 2.46 17.00 -41.53
C LYS A 308 3.45 18.15 -41.69
N GLU A 309 3.68 18.90 -40.60
CA GLU A 309 4.61 20.03 -40.67
C GLU A 309 6.03 19.56 -40.96
N LEU A 310 6.45 18.46 -40.35
CA LEU A 310 7.79 17.93 -40.59
C LEU A 310 7.97 17.55 -42.06
N GLY A 311 6.99 16.83 -42.60
CA GLY A 311 7.07 16.45 -44.00
C GLY A 311 7.06 17.64 -44.93
N ASN A 312 6.23 18.64 -44.62
CA ASN A 312 6.20 19.84 -45.44
C ASN A 312 7.55 20.53 -45.44
N PHE A 313 8.18 20.65 -44.26
CA PHE A 313 9.48 21.31 -44.19
C PHE A 313 10.55 20.50 -44.92
N PHE A 314 10.53 19.18 -44.78
CA PHE A 314 11.51 18.35 -45.47
C PHE A 314 11.38 18.47 -46.97
N ARG A 315 10.14 18.48 -47.47
CA ARG A 315 9.90 18.69 -48.90
C ARG A 315 10.38 20.07 -49.33
N SER A 316 10.08 21.11 -48.53
CA SER A 316 10.56 22.45 -48.84
C SER A 316 12.07 22.50 -48.92
N LEU A 317 12.75 21.70 -48.11
CA LEU A 317 14.21 21.71 -48.11
C LEU A 317 14.78 20.96 -49.31
N TRP A 318 14.38 19.71 -49.50
CA TRP A 318 15.00 18.88 -50.53
C TRP A 318 14.32 18.97 -51.90
N GLY A 319 13.34 19.86 -52.07
CA GLY A 319 12.82 20.14 -53.38
C GLY A 319 11.99 19.02 -53.97
N PRO A 320 11.78 19.08 -55.29
CA PRO A 320 10.87 18.12 -55.94
C PRO A 320 11.26 16.66 -55.75
N TYR A 321 12.56 16.34 -55.73
CA TYR A 321 13.02 14.97 -55.58
C TYR A 321 13.37 14.64 -54.14
N ALA A 322 12.60 15.18 -53.20
CA ALA A 322 12.86 14.97 -51.78
C ALA A 322 12.89 13.49 -51.42
N GLY A 323 11.95 12.70 -51.95
CA GLY A 323 11.87 11.29 -51.58
C GLY A 323 13.16 10.55 -51.79
N TRP A 324 13.79 10.74 -52.95
CA TRP A 324 15.01 10.02 -53.26
C TRP A 324 16.14 10.43 -52.32
N ALA A 325 16.18 11.71 -51.97
CA ALA A 325 17.15 12.19 -50.99
C ALA A 325 16.96 11.51 -49.64
N GLN A 326 15.71 11.36 -49.20
CA GLN A 326 15.42 10.73 -47.91
C GLN A 326 16.05 9.34 -47.84
N ALA A 327 16.03 8.58 -48.93
CA ALA A 327 16.56 7.22 -48.91
C ALA A 327 18.05 7.24 -48.59
N VAL A 328 18.80 8.13 -49.24
CA VAL A 328 20.23 8.25 -48.95
C VAL A 328 20.42 8.49 -47.46
N LEU A 329 19.72 9.49 -46.92
CA LEU A 329 19.80 9.78 -45.50
C LEU A 329 19.37 8.57 -44.66
N PHE A 330 18.36 7.84 -45.13
CA PHE A 330 17.82 6.71 -44.37
C PHE A 330 18.84 5.59 -44.25
N SER A 331 19.48 5.22 -45.36
CA SER A 331 20.38 4.07 -45.32
C SER A 331 21.69 4.36 -44.62
N ALA A 332 21.88 5.59 -44.13
CA ALA A 332 23.06 5.91 -43.34
C ALA A 332 23.04 5.24 -41.97
N ASP A 333 21.89 4.71 -41.55
CA ASP A 333 21.79 4.02 -40.27
C ASP A 333 20.71 2.96 -40.31
N LYS B 20 -33.74 -20.81 27.79
CA LYS B 20 -34.61 -19.69 27.48
C LYS B 20 -34.12 -18.95 26.23
N VAL B 21 -34.97 -18.90 25.22
CA VAL B 21 -34.63 -18.29 23.94
C VAL B 21 -34.98 -16.82 23.98
N LEU B 22 -34.25 -16.03 23.20
CA LEU B 22 -34.40 -14.57 23.18
C LEU B 22 -34.47 -14.10 21.74
N ARG B 23 -35.14 -12.96 21.54
CA ARG B 23 -35.31 -12.43 20.20
C ARG B 23 -35.73 -10.97 20.28
N ASP B 24 -35.32 -10.19 19.28
CA ASP B 24 -35.82 -8.85 18.98
C ASP B 24 -35.42 -7.87 20.10
N ASN B 25 -34.57 -8.28 21.04
CA ASN B 25 -34.23 -7.41 22.15
C ASN B 25 -33.36 -6.22 21.73
N ILE B 26 -32.87 -6.19 20.49
CA ILE B 26 -32.06 -5.06 20.04
C ILE B 26 -32.86 -3.77 20.12
N GLN B 27 -34.16 -3.82 19.83
CA GLN B 27 -35.02 -2.65 19.94
C GLN B 27 -35.16 -2.15 21.37
N GLY B 28 -34.75 -2.94 22.35
CA GLY B 28 -34.78 -2.50 23.73
C GLY B 28 -33.90 -1.29 23.99
N ILE B 29 -32.96 -1.00 23.09
CA ILE B 29 -32.18 0.22 23.17
C ILE B 29 -33.05 1.34 22.61
N THR B 30 -33.79 2.00 23.49
CA THR B 30 -34.87 2.87 23.06
C THR B 30 -34.36 4.14 22.41
N LYS B 31 -35.26 4.83 21.72
CA LYS B 31 -34.94 6.11 21.12
C LYS B 31 -34.46 7.13 22.15
N PRO B 32 -35.16 7.37 23.26
CA PRO B 32 -34.63 8.32 24.25
C PRO B 32 -33.28 7.93 24.81
N ALA B 33 -32.96 6.64 24.88
CA ALA B 33 -31.62 6.25 25.30
C ALA B 33 -30.57 6.74 24.32
N ILE B 34 -30.84 6.60 23.02
CA ILE B 34 -29.92 7.13 22.02
C ILE B 34 -29.83 8.64 22.13
N ARG B 35 -30.96 9.30 22.39
CA ARG B 35 -30.92 10.75 22.55
C ARG B 35 -30.06 11.15 23.74
N ARG B 36 -30.18 10.44 24.86
CA ARG B 36 -29.36 10.75 26.03
C ARG B 36 -27.88 10.55 25.72
N LEU B 37 -27.55 9.44 25.06
CA LEU B 37 -26.15 9.20 24.71
C LEU B 37 -25.62 10.30 23.81
N ALA B 38 -26.41 10.72 22.81
CA ALA B 38 -25.97 11.80 21.95
C ALA B 38 -25.80 13.10 22.71
N ARG B 39 -26.73 13.41 23.61
CA ARG B 39 -26.62 14.65 24.39
C ARG B 39 -25.36 14.66 25.22
N ARG B 40 -25.01 13.52 25.82
CA ARG B 40 -23.72 13.45 26.51
C ARG B 40 -22.57 13.67 25.55
N GLY B 41 -22.78 13.47 24.26
CA GLY B 41 -21.79 13.77 23.26
C GLY B 41 -21.79 15.20 22.76
N GLY B 42 -22.74 16.00 23.21
CA GLY B 42 -22.83 17.39 22.80
C GLY B 42 -23.64 17.66 21.56
N VAL B 43 -24.42 16.68 21.09
CA VAL B 43 -25.24 16.86 19.90
C VAL B 43 -26.51 17.59 20.28
N LYS B 44 -26.81 18.68 19.57
CA LYS B 44 -28.00 19.46 19.90
C LYS B 44 -29.23 19.03 19.11
N ARG B 45 -29.06 18.65 17.85
CA ARG B 45 -30.17 18.32 16.98
C ARG B 45 -29.88 16.99 16.32
N ILE B 46 -30.87 16.10 16.31
CA ILE B 46 -30.66 14.72 15.88
C ILE B 46 -31.62 14.39 14.74
N SER B 47 -31.14 13.62 13.78
CA SER B 47 -31.98 13.19 12.66
C SER B 47 -32.83 12.00 13.08
N GLY B 48 -33.76 11.63 12.19
CA GLY B 48 -34.62 10.49 12.47
C GLY B 48 -34.00 9.14 12.12
N LEU B 49 -33.04 9.12 11.21
CA LEU B 49 -32.45 7.87 10.75
C LEU B 49 -31.25 7.45 11.59
N ILE B 50 -30.84 8.27 12.57
CA ILE B 50 -29.63 7.98 13.32
C ILE B 50 -29.81 6.74 14.19
N TYR B 51 -31.05 6.45 14.61
CA TYR B 51 -31.27 5.44 15.63
C TYR B 51 -30.96 4.04 15.11
N GLU B 52 -31.40 3.71 13.90
CA GLU B 52 -31.14 2.38 13.37
C GLU B 52 -29.64 2.17 13.16
N GLU B 53 -28.95 3.18 12.64
CA GLU B 53 -27.51 3.08 12.47
C GLU B 53 -26.81 2.89 13.81
N THR B 54 -27.25 3.62 14.84
CA THR B 54 -26.65 3.48 16.16
C THR B 54 -26.87 2.09 16.72
N ARG B 55 -28.08 1.55 16.54
CA ARG B 55 -28.35 0.20 17.02
C ARG B 55 -27.47 -0.81 16.30
N GLY B 56 -27.31 -0.67 14.99
CA GLY B 56 -26.42 -1.57 14.26
C GLY B 56 -24.99 -1.49 14.75
N VAL B 57 -24.50 -0.27 14.97
CA VAL B 57 -23.13 -0.10 15.46
C VAL B 57 -22.96 -0.75 16.83
N LEU B 58 -23.94 -0.53 17.72
CA LEU B 58 -23.85 -1.13 19.05
C LEU B 58 -23.88 -2.63 18.97
N LYS B 59 -24.72 -3.20 18.10
CA LYS B 59 -24.77 -4.65 17.95
C LYS B 59 -23.43 -5.19 17.47
N VAL B 60 -22.80 -4.53 16.50
CA VAL B 60 -21.52 -4.99 16.00
C VAL B 60 -20.47 -4.93 17.10
N PHE B 61 -20.42 -3.83 17.85
CA PHE B 61 -19.43 -3.70 18.92
C PHE B 61 -19.64 -4.76 19.99
N LEU B 62 -20.88 -4.99 20.39
CA LEU B 62 -21.17 -6.00 21.39
C LEU B 62 -20.78 -7.39 20.90
N GLU B 63 -21.08 -7.70 19.63
CA GLU B 63 -20.68 -9.00 19.10
C GLU B 63 -19.17 -9.16 19.17
N ASN B 64 -18.43 -8.12 18.76
CA ASN B 64 -16.98 -8.21 18.76
C ASN B 64 -16.43 -8.44 20.17
N VAL B 65 -16.96 -7.72 21.16
CA VAL B 65 -16.45 -7.90 22.52
C VAL B 65 -16.85 -9.25 23.09
N ILE B 66 -18.12 -9.63 22.94
CA ILE B 66 -18.61 -10.84 23.58
C ILE B 66 -17.99 -12.08 22.95
N ARG B 67 -17.64 -12.03 21.67
CA ARG B 67 -16.96 -13.18 21.08
C ARG B 67 -15.66 -13.49 21.83
N ASP B 68 -14.84 -12.47 22.04
CA ASP B 68 -13.59 -12.66 22.76
C ASP B 68 -13.84 -13.06 24.22
N ALA B 69 -14.84 -12.44 24.85
CA ALA B 69 -15.13 -12.81 26.23
C ALA B 69 -15.52 -14.27 26.34
N VAL B 70 -16.35 -14.76 25.42
CA VAL B 70 -16.79 -16.14 25.45
C VAL B 70 -15.62 -17.07 25.15
N THR B 71 -14.72 -16.65 24.25
CA THR B 71 -13.53 -17.46 23.99
C THR B 71 -12.69 -17.61 25.25
N TYR B 72 -12.48 -16.49 25.97
CA TYR B 72 -11.73 -16.55 27.21
C TYR B 72 -12.40 -17.48 28.22
N THR B 73 -13.72 -17.37 28.35
CA THR B 73 -14.44 -18.25 29.28
C THR B 73 -14.30 -19.71 28.88
N GLU B 74 -14.42 -20.00 27.59
CA GLU B 74 -14.30 -21.38 27.12
C GLU B 74 -12.93 -21.95 27.43
N HIS B 75 -11.88 -21.14 27.24
CA HIS B 75 -10.53 -21.64 27.46
C HIS B 75 -10.34 -22.14 28.88
N ALA B 76 -10.84 -21.39 29.86
CA ALA B 76 -10.68 -21.77 31.25
C ALA B 76 -11.59 -22.91 31.68
N LYS B 77 -12.30 -23.52 30.74
CA LYS B 77 -13.24 -24.62 30.99
C LYS B 77 -14.40 -24.19 31.87
N ARG B 78 -14.61 -22.90 32.04
CA ARG B 78 -15.73 -22.40 32.82
C ARG B 78 -17.01 -22.42 32.00
N LYS B 79 -18.13 -22.17 32.67
CA LYS B 79 -19.40 -21.93 32.03
C LYS B 79 -19.97 -20.57 32.36
N THR B 80 -19.32 -19.81 33.24
CA THR B 80 -19.78 -18.50 33.65
C THR B 80 -18.83 -17.44 33.14
N VAL B 81 -19.35 -16.46 32.41
CA VAL B 81 -18.54 -15.37 31.87
C VAL B 81 -18.29 -14.36 32.98
N THR B 82 -17.06 -14.33 33.49
CA THR B 82 -16.73 -13.47 34.61
C THR B 82 -16.36 -12.07 34.13
N ALA B 83 -16.31 -11.13 35.06
CA ALA B 83 -15.97 -9.75 34.72
C ALA B 83 -14.57 -9.66 34.15
N MET B 84 -13.65 -10.49 34.65
CA MET B 84 -12.28 -10.45 34.13
C MET B 84 -12.22 -10.83 32.68
N ASP B 85 -13.08 -11.74 32.23
CA ASP B 85 -13.13 -12.08 30.82
C ASP B 85 -13.49 -10.86 29.98
N VAL B 86 -14.50 -10.11 30.41
CA VAL B 86 -14.90 -8.91 29.68
C VAL B 86 -13.77 -7.89 29.68
N VAL B 87 -13.11 -7.72 30.83
CA VAL B 87 -12.03 -6.74 30.92
C VAL B 87 -10.89 -7.11 29.99
N TYR B 88 -10.51 -8.38 29.95
CA TYR B 88 -9.45 -8.81 29.05
C TYR B 88 -9.85 -8.64 27.60
N ALA B 89 -11.10 -8.98 27.26
CA ALA B 89 -11.57 -8.82 25.90
C ALA B 89 -11.50 -7.36 25.46
N LEU B 90 -11.93 -6.45 26.34
CA LEU B 90 -11.83 -5.04 26.02
C LEU B 90 -10.39 -4.58 25.90
N LYS B 91 -9.53 -5.04 26.81
CA LYS B 91 -8.13 -4.61 26.80
C LYS B 91 -7.44 -5.04 25.51
N ARG B 92 -7.67 -6.27 25.06
CA ARG B 92 -7.02 -6.72 23.84
C ARG B 92 -7.57 -6.00 22.62
N GLN B 93 -8.75 -5.41 22.72
CA GLN B 93 -9.34 -4.64 21.64
C GLN B 93 -8.89 -3.19 21.64
N GLY B 94 -7.88 -2.85 22.43
CA GLY B 94 -7.43 -1.48 22.53
C GLY B 94 -8.44 -0.55 23.15
N ARG B 95 -9.20 -1.04 24.13
CA ARG B 95 -10.22 -0.24 24.80
C ARG B 95 -10.15 -0.49 26.30
N THR B 96 -8.93 -0.40 26.85
CA THR B 96 -8.67 -0.69 28.26
C THR B 96 -9.75 -0.10 29.16
N LEU B 97 -10.17 -0.88 30.14
CA LEU B 97 -11.23 -0.50 31.06
C LEU B 97 -10.71 -0.54 32.50
N TYR B 98 -11.05 0.47 33.28
CA TYR B 98 -10.62 0.59 34.67
C TYR B 98 -11.82 0.49 35.60
N GLY B 99 -11.56 -0.02 36.80
CA GLY B 99 -12.53 -0.01 37.86
C GLY B 99 -13.27 -1.32 38.08
N PHE B 100 -13.25 -2.21 37.09
CA PHE B 100 -13.99 -3.46 37.20
C PHE B 100 -13.12 -4.66 37.52
N GLY B 101 -11.81 -4.57 37.29
CA GLY B 101 -10.92 -5.67 37.63
C GLY B 101 -9.57 -5.48 36.99
N GLY B 102 -8.70 -6.44 37.25
CA GLY B 102 -7.35 -6.45 36.72
C GLY B 102 -6.45 -5.33 37.19
N HIS C 39 -4.37 21.82 -28.64
CA HIS C 39 -5.52 21.98 -27.76
C HIS C 39 -5.07 22.32 -26.34
N ARG C 40 -6.03 22.34 -25.42
CA ARG C 40 -5.75 22.64 -24.02
C ARG C 40 -6.68 21.82 -23.15
N TYR C 41 -6.11 20.93 -22.35
CA TYR C 41 -6.92 20.07 -21.49
C TYR C 41 -7.71 20.92 -20.50
N ARG C 42 -9.00 20.59 -20.35
CA ARG C 42 -9.84 21.32 -19.43
C ARG C 42 -9.40 21.06 -17.99
N PRO C 43 -9.58 22.02 -17.09
CA PRO C 43 -9.09 21.84 -15.72
C PRO C 43 -9.72 20.62 -15.07
N GLY C 44 -8.90 19.88 -14.34
CA GLY C 44 -9.33 18.71 -13.62
C GLY C 44 -9.16 17.40 -14.37
N THR C 45 -9.02 17.44 -15.70
CA THR C 45 -8.87 16.20 -16.45
C THR C 45 -7.46 15.63 -16.30
N VAL C 46 -6.44 16.49 -16.23
CA VAL C 46 -5.09 16.00 -16.02
C VAL C 46 -4.93 15.51 -14.58
N ALA C 47 -5.73 16.05 -13.66
CA ALA C 47 -5.68 15.57 -12.29
C ALA C 47 -6.08 14.10 -12.20
N LEU C 48 -7.10 13.70 -12.96
CA LEU C 48 -7.53 12.31 -12.95
C LEU C 48 -6.45 11.38 -13.48
N ARG C 49 -5.82 11.75 -14.60
CA ARG C 49 -4.76 10.91 -15.12
C ARG C 49 -3.56 10.89 -14.18
N GLU C 50 -3.30 12.00 -13.48
CA GLU C 50 -2.25 12.00 -12.48
C GLU C 50 -2.56 11.05 -11.34
N ILE C 51 -3.82 11.04 -10.88
CA ILE C 51 -4.22 10.12 -9.82
C ILE C 51 -4.02 8.68 -10.26
N ARG C 52 -4.49 8.37 -11.48
CA ARG C 52 -4.33 7.00 -11.99
C ARG C 52 -2.86 6.63 -12.12
N ARG C 53 -2.04 7.57 -12.59
CA ARG C 53 -0.62 7.30 -12.76
C ARG C 53 0.06 7.01 -11.43
N TYR C 54 -0.25 7.81 -10.40
CA TYR C 54 0.44 7.66 -9.13
C TYR C 54 -0.19 6.60 -8.24
N GLN C 55 -1.36 6.09 -8.57
CA GLN C 55 -1.91 4.96 -7.83
C GLN C 55 -1.51 3.62 -8.43
N LYS C 56 -1.22 3.59 -9.73
CA LYS C 56 -0.78 2.35 -10.36
C LYS C 56 0.67 2.04 -10.05
N SER C 57 1.51 3.07 -9.90
CA SER C 57 2.92 2.89 -9.62
C SER C 57 3.18 2.84 -8.12
N THR C 58 4.42 2.53 -7.74
CA THR C 58 4.75 2.31 -6.35
C THR C 58 6.04 2.98 -5.88
N GLU C 59 6.70 3.77 -6.72
CA GLU C 59 7.95 4.40 -6.33
C GLU C 59 7.70 5.43 -5.24
N LEU C 60 8.79 6.03 -4.76
CA LEU C 60 8.69 7.08 -3.75
C LEU C 60 8.34 8.40 -4.40
N LEU C 61 7.62 9.24 -3.66
CA LEU C 61 7.18 10.53 -4.18
C LEU C 61 8.00 11.70 -3.66
N ILE C 62 8.49 11.64 -2.42
CA ILE C 62 9.29 12.71 -1.86
C ILE C 62 10.73 12.53 -2.29
N ARG C 63 11.39 13.63 -2.64
CA ARG C 63 12.78 13.58 -3.03
C ARG C 63 13.63 13.06 -1.87
N LYS C 64 14.59 12.20 -2.19
CA LYS C 64 15.32 11.48 -1.15
C LYS C 64 16.18 12.42 -0.32
N LEU C 65 17.01 13.23 -0.97
CA LEU C 65 17.95 14.06 -0.23
C LEU C 65 17.27 15.10 0.65
N PRO C 66 16.28 15.86 0.18
CA PRO C 66 15.61 16.80 1.10
C PRO C 66 14.99 16.12 2.30
N PHE C 67 14.39 14.95 2.12
CA PHE C 67 13.80 14.26 3.26
C PHE C 67 14.87 13.78 4.23
N GLN C 68 15.98 13.26 3.70
CA GLN C 68 17.07 12.84 4.58
C GLN C 68 17.60 14.02 5.39
N ARG C 69 17.77 15.16 4.74
CA ARG C 69 18.23 16.36 5.44
C ARG C 69 17.24 16.80 6.50
N LEU C 70 15.94 16.73 6.19
CA LEU C 70 14.92 17.07 7.18
C LEU C 70 14.98 16.12 8.38
N VAL C 71 15.17 14.82 8.11
CA VAL C 71 15.23 13.85 9.21
C VAL C 71 16.42 14.16 10.10
N ARG C 72 17.57 14.44 9.51
CA ARG C 72 18.75 14.78 10.31
C ARG C 72 18.53 16.06 11.11
N GLU C 73 17.90 17.07 10.49
CA GLU C 73 17.67 18.33 11.19
C GLU C 73 16.75 18.13 12.39
N ILE C 74 15.74 17.26 12.25
CA ILE C 74 14.89 16.97 13.40
C ILE C 74 15.64 16.17 14.44
N ALA C 75 16.46 15.21 14.00
CA ALA C 75 17.14 14.32 14.93
C ALA C 75 18.14 15.07 15.80
N GLN C 76 18.89 16.01 15.22
CA GLN C 76 19.94 16.67 15.98
C GLN C 76 19.40 17.42 17.19
N ASP C 77 18.09 17.71 17.22
CA ASP C 77 17.50 18.35 18.38
C ASP C 77 17.62 17.45 19.61
N PHE C 78 17.31 16.16 19.46
CA PHE C 78 17.30 15.26 20.61
C PHE C 78 18.71 14.82 21.00
N LYS C 79 19.57 14.56 20.03
CA LYS C 79 20.93 14.12 20.33
C LYS C 79 21.86 14.57 19.21
N THR C 80 22.99 15.15 19.60
CA THR C 80 23.93 15.68 18.63
C THR C 80 24.70 14.54 17.96
N ASP C 81 25.33 14.91 16.84
CA ASP C 81 26.23 14.01 16.09
C ASP C 81 25.74 12.56 15.98
N LEU C 82 24.50 12.39 15.59
CA LEU C 82 23.97 11.06 15.31
C LEU C 82 24.44 10.57 13.94
N ARG C 83 24.42 9.26 13.80
CA ARG C 83 24.66 8.60 12.52
C ARG C 83 23.40 7.83 12.13
N PHE C 84 23.13 7.77 10.83
CA PHE C 84 21.94 7.12 10.32
C PHE C 84 22.33 6.10 9.27
N GLN C 85 21.94 4.85 9.49
CA GLN C 85 22.04 3.86 8.42
C GLN C 85 21.14 4.27 7.26
N SER C 86 21.59 4.01 6.03
CA SER C 86 20.78 4.32 4.87
C SER C 86 19.42 3.64 4.95
N ALA C 87 19.39 2.38 5.38
CA ALA C 87 18.14 1.67 5.51
C ALA C 87 17.22 2.32 6.53
N ALA C 88 17.79 2.90 7.59
CA ALA C 88 16.97 3.58 8.59
C ALA C 88 16.22 4.75 7.97
N ILE C 89 16.91 5.56 7.18
CA ILE C 89 16.25 6.70 6.55
C ILE C 89 15.28 6.22 5.48
N GLY C 90 15.60 5.14 4.77
CA GLY C 90 14.64 4.59 3.83
C GLY C 90 13.36 4.15 4.51
N ALA C 91 13.47 3.48 5.66
CA ALA C 91 12.30 3.06 6.40
C ALA C 91 11.51 4.27 6.91
N LEU C 92 12.22 5.29 7.38
CA LEU C 92 11.53 6.50 7.83
C LEU C 92 10.75 7.13 6.69
N GLN C 93 11.36 7.23 5.50
CA GLN C 93 10.68 7.82 4.36
C GLN C 93 9.46 7.00 3.97
N GLU C 94 9.60 5.67 3.95
CA GLU C 94 8.46 4.83 3.58
C GLU C 94 7.32 5.01 4.56
N ALA C 95 7.63 5.01 5.86
CA ALA C 95 6.59 5.18 6.87
C ALA C 95 5.93 6.54 6.74
N SER C 96 6.71 7.60 6.53
CA SER C 96 6.13 8.93 6.42
C SER C 96 5.24 9.04 5.19
N GLU C 97 5.68 8.50 4.06
CA GLU C 97 4.84 8.55 2.86
C GLU C 97 3.55 7.78 3.05
N ALA C 98 3.62 6.58 3.65
CA ALA C 98 2.40 5.83 3.90
C ALA C 98 1.46 6.60 4.83
N TYR C 99 2.01 7.20 5.88
CA TYR C 99 1.19 7.97 6.80
C TYR C 99 0.51 9.13 6.10
N LEU C 100 1.26 9.86 5.28
CA LEU C 100 0.70 11.01 4.60
C LEU C 100 -0.33 10.60 3.55
N VAL C 101 -0.10 9.49 2.85
CA VAL C 101 -1.07 9.02 1.87
C VAL C 101 -2.37 8.64 2.57
N GLY C 102 -2.28 7.94 3.69
CA GLY C 102 -3.49 7.64 4.45
C GLY C 102 -4.19 8.89 4.94
N LEU C 103 -3.41 9.86 5.43
CA LEU C 103 -4.00 11.10 5.92
C LEU C 103 -4.71 11.85 4.80
N PHE C 104 -4.13 11.85 3.60
CA PHE C 104 -4.81 12.52 2.49
C PHE C 104 -6.04 11.75 2.06
N GLU C 105 -6.01 10.42 2.11
CA GLU C 105 -7.23 9.66 1.82
C GLU C 105 -8.35 10.05 2.76
N ASP C 106 -8.01 10.26 4.03
CA ASP C 106 -9.03 10.63 5.00
C ASP C 106 -9.48 12.07 4.81
N THR C 107 -8.55 12.99 4.55
CA THR C 107 -8.96 14.37 4.40
C THR C 107 -9.77 14.54 3.11
N ASN C 108 -9.49 13.74 2.08
CA ASN C 108 -10.32 13.75 0.88
C ASN C 108 -11.72 13.26 1.18
N LEU C 109 -11.84 12.23 2.00
CA LEU C 109 -13.17 11.79 2.41
C LEU C 109 -13.90 12.89 3.16
N CYS C 110 -13.20 13.60 4.06
CA CYS C 110 -13.81 14.73 4.76
C CYS C 110 -14.31 15.79 3.78
N ALA C 111 -13.45 16.19 2.85
CA ALA C 111 -13.82 17.23 1.91
C ALA C 111 -15.02 16.82 1.08
N ILE C 112 -15.05 15.58 0.61
CA ILE C 112 -16.21 15.11 -0.15
C ILE C 112 -17.45 15.10 0.73
N HIS C 113 -17.29 14.77 2.00
CA HIS C 113 -18.43 14.76 2.92
C HIS C 113 -19.02 16.15 3.08
N ALA C 114 -18.17 17.17 3.13
CA ALA C 114 -18.67 18.54 3.18
C ALA C 114 -19.19 19.05 1.85
N LYS C 115 -19.37 18.15 0.87
CA LYS C 115 -19.87 18.45 -0.47
C LYS C 115 -18.90 19.30 -1.27
N ARG C 116 -17.67 19.45 -0.81
CA ARG C 116 -16.62 20.11 -1.57
C ARG C 116 -15.82 19.07 -2.36
N VAL C 117 -15.04 19.57 -3.32
CA VAL C 117 -14.07 18.76 -4.03
C VAL C 117 -12.64 19.15 -3.68
N THR C 118 -12.43 20.40 -3.28
CA THR C 118 -11.11 20.90 -2.92
C THR C 118 -10.86 20.68 -1.43
N ILE C 119 -9.74 20.07 -1.09
CA ILE C 119 -9.40 19.87 0.32
C ILE C 119 -8.81 21.15 0.86
N MET C 120 -9.05 21.41 2.14
CA MET C 120 -8.60 22.62 2.80
C MET C 120 -8.13 22.27 4.20
N PRO C 121 -7.34 23.13 4.85
CA PRO C 121 -6.72 22.74 6.13
C PRO C 121 -7.70 22.25 7.17
N LYS C 122 -8.91 22.85 7.23
CA LYS C 122 -9.92 22.37 8.17
C LYS C 122 -10.19 20.88 7.99
N ASP C 123 -10.08 20.38 6.76
CA ASP C 123 -10.28 18.96 6.52
C ASP C 123 -9.21 18.12 7.21
N ILE C 124 -7.95 18.51 7.06
CA ILE C 124 -6.86 17.78 7.72
C ILE C 124 -7.02 17.85 9.22
N GLN C 125 -7.39 19.02 9.74
CA GLN C 125 -7.59 19.16 11.18
C GLN C 125 -8.68 18.23 11.67
N LEU C 126 -9.79 18.15 10.92
CA LEU C 126 -10.86 17.24 11.29
C LEU C 126 -10.40 15.80 11.26
N ALA C 127 -9.68 15.41 10.21
CA ALA C 127 -9.24 14.03 10.09
C ALA C 127 -8.33 13.64 11.24
N ARG C 128 -7.36 14.49 11.56
CA ARG C 128 -6.45 14.18 12.65
C ARG C 128 -7.18 14.18 13.99
N ARG C 129 -8.11 15.12 14.19
CA ARG C 129 -8.86 15.15 15.43
C ARG C 129 -9.65 13.86 15.63
N ILE C 130 -10.31 13.38 14.57
CA ILE C 130 -11.10 12.16 14.70
C ILE C 130 -10.20 10.96 14.91
N ARG C 131 -9.07 10.90 14.22
CA ARG C 131 -8.17 9.77 14.36
C ARG C 131 -7.44 9.75 15.70
N GLY C 132 -7.64 10.76 16.54
CA GLY C 132 -7.03 10.80 17.85
C GLY C 132 -5.63 11.36 17.90
N GLU C 133 -5.13 11.92 16.80
CA GLU C 133 -3.82 12.53 16.79
C GLU C 133 -3.81 13.94 17.37
N ARG C 134 -4.98 14.50 17.66
CA ARG C 134 -5.12 15.77 18.36
C ARG C 134 -6.10 15.62 19.50
N ALA C 135 -5.96 16.48 20.50
CA ALA C 135 -6.86 16.46 21.65
C ALA C 135 -8.15 17.21 21.33
N ASN D 25 14.75 22.65 7.18
CA ASN D 25 14.64 21.95 5.91
C ASN D 25 13.20 21.49 5.65
N ILE D 26 12.30 21.79 6.59
CA ILE D 26 10.89 21.47 6.38
C ILE D 26 10.36 22.17 5.15
N GLN D 27 10.86 23.37 4.85
CA GLN D 27 10.53 24.04 3.60
C GLN D 27 11.11 23.35 2.39
N GLY D 28 11.92 22.30 2.58
CA GLY D 28 12.43 21.51 1.48
C GLY D 28 11.46 20.47 0.95
N ILE D 29 10.37 20.21 1.66
CA ILE D 29 9.32 19.35 1.14
C ILE D 29 8.55 20.15 0.09
N THR D 30 8.87 19.91 -1.17
CA THR D 30 8.42 20.79 -2.25
C THR D 30 6.92 20.70 -2.44
N LYS D 31 6.35 21.80 -2.96
CA LYS D 31 4.92 21.82 -3.27
C LYS D 31 4.52 20.68 -4.21
N PRO D 32 5.19 20.45 -5.34
CA PRO D 32 4.78 19.32 -6.19
C PRO D 32 4.86 17.97 -5.50
N ALA D 33 5.80 17.78 -4.55
CA ALA D 33 5.84 16.51 -3.84
C ALA D 33 4.60 16.30 -3.00
N ILE D 34 4.15 17.34 -2.29
CA ILE D 34 2.92 17.25 -1.53
C ILE D 34 1.75 17.01 -2.47
N ARG D 35 1.78 17.65 -3.65
CA ARG D 35 0.73 17.39 -4.63
C ARG D 35 0.71 15.92 -5.04
N ARG D 36 1.89 15.35 -5.30
CA ARG D 36 1.95 13.95 -5.70
C ARG D 36 1.42 13.04 -4.59
N LEU D 37 1.81 13.30 -3.34
CA LEU D 37 1.28 12.51 -2.24
C LEU D 37 -0.23 12.59 -2.18
N ALA D 38 -0.78 13.80 -2.30
CA ALA D 38 -2.23 13.96 -2.29
C ALA D 38 -2.87 13.21 -3.45
N ARG D 39 -2.24 13.25 -4.62
CA ARG D 39 -2.77 12.55 -5.78
C ARG D 39 -2.86 11.07 -5.52
N ARG D 40 -1.79 10.47 -4.97
CA ARG D 40 -1.84 9.05 -4.64
C ARG D 40 -3.00 8.75 -3.69
N GLY D 41 -3.41 9.71 -2.88
CA GLY D 41 -4.53 9.51 -2.00
C GLY D 41 -5.87 9.69 -2.64
N GLY D 42 -5.92 10.08 -3.90
CA GLY D 42 -7.17 10.29 -4.60
C GLY D 42 -7.71 11.70 -4.56
N VAL D 43 -6.89 12.67 -4.17
CA VAL D 43 -7.33 14.06 -4.13
C VAL D 43 -7.34 14.62 -5.54
N LYS D 44 -8.30 15.50 -5.82
CA LYS D 44 -8.44 16.10 -7.13
C LYS D 44 -8.03 17.56 -7.18
N ARG D 45 -8.35 18.33 -6.15
CA ARG D 45 -8.11 19.76 -6.14
C ARG D 45 -7.63 20.16 -4.76
N ILE D 46 -6.58 20.98 -4.69
CA ILE D 46 -5.85 21.24 -3.46
C ILE D 46 -5.82 22.73 -3.18
N SER D 47 -6.13 23.11 -1.95
CA SER D 47 -6.10 24.51 -1.53
C SER D 47 -4.67 24.99 -1.32
N GLY D 48 -4.54 26.30 -1.18
CA GLY D 48 -3.21 26.89 -1.02
C GLY D 48 -2.55 26.57 0.31
N LEU D 49 -3.31 26.59 1.40
CA LEU D 49 -2.72 26.42 2.72
C LEU D 49 -2.49 24.97 3.10
N ILE D 50 -2.95 24.04 2.27
CA ILE D 50 -2.74 22.62 2.53
C ILE D 50 -1.26 22.30 2.60
N TYR D 51 -0.43 23.06 1.87
CA TYR D 51 1.01 22.79 1.88
C TYR D 51 1.60 23.04 3.26
N GLU D 52 1.31 24.21 3.84
CA GLU D 52 1.80 24.50 5.18
C GLU D 52 1.23 23.52 6.20
N GLU D 53 -0.06 23.19 6.07
CA GLU D 53 -0.65 22.25 7.02
C GLU D 53 0.05 20.90 6.95
N THR D 54 0.32 20.42 5.73
CA THR D 54 0.98 19.14 5.55
C THR D 54 2.40 19.18 6.10
N ARG D 55 3.10 20.29 5.89
CA ARG D 55 4.46 20.40 6.43
C ARG D 55 4.43 20.30 7.94
N GLY D 56 3.49 20.99 8.59
CA GLY D 56 3.38 20.88 10.04
C GLY D 56 3.09 19.47 10.50
N VAL D 57 2.15 18.80 9.84
CA VAL D 57 1.79 17.44 10.23
C VAL D 57 2.97 16.50 10.08
N LEU D 58 3.69 16.59 8.96
CA LEU D 58 4.84 15.74 8.73
C LEU D 58 5.93 15.99 9.76
N LYS D 59 6.17 17.26 10.11
CA LYS D 59 7.16 17.56 11.12
C LYS D 59 6.79 16.93 12.45
N VAL D 60 5.51 17.01 12.84
CA VAL D 60 5.11 16.42 14.10
C VAL D 60 5.31 14.91 14.09
N PHE D 61 4.89 14.26 13.00
CA PHE D 61 5.02 12.80 12.92
C PHE D 61 6.49 12.38 12.98
N LEU D 62 7.34 13.06 12.22
CA LEU D 62 8.75 12.71 12.22
C LEU D 62 9.37 12.93 13.59
N GLU D 63 9.01 14.02 14.26
CA GLU D 63 9.53 14.24 15.61
C GLU D 63 9.14 13.10 16.53
N ASN D 64 7.87 12.69 16.48
CA ASN D 64 7.41 11.63 17.35
C ASN D 64 8.17 10.33 17.11
N VAL D 65 8.37 9.96 15.84
CA VAL D 65 9.07 8.71 15.57
C VAL D 65 10.55 8.81 15.94
N ILE D 66 11.18 9.93 15.60
CA ILE D 66 12.61 10.08 15.79
C ILE D 66 12.97 10.09 17.26
N ARG D 67 12.11 10.67 18.11
CA ARG D 67 12.41 10.68 19.53
C ARG D 67 12.54 9.26 20.07
N ASP D 68 11.60 8.39 19.69
CA ASP D 68 11.66 7.01 20.15
C ASP D 68 12.84 6.27 19.54
N ALA D 69 13.15 6.51 18.27
CA ALA D 69 14.30 5.86 17.66
C ALA D 69 15.59 6.25 18.37
N VAL D 70 15.74 7.55 18.68
CA VAL D 70 16.93 8.02 19.37
C VAL D 70 16.98 7.47 20.78
N THR D 71 15.83 7.33 21.43
CA THR D 71 15.81 6.69 22.75
C THR D 71 16.33 5.26 22.67
N TYR D 72 15.90 4.51 21.66
CA TYR D 72 16.37 3.13 21.52
C TYR D 72 17.88 3.10 21.30
N THR D 73 18.39 3.99 20.44
CA THR D 73 19.84 4.01 20.20
C THR D 73 20.59 4.37 21.46
N GLU D 74 20.10 5.36 22.21
CA GLU D 74 20.79 5.72 23.44
C GLU D 74 20.77 4.56 24.42
N HIS D 75 19.66 3.82 24.48
CA HIS D 75 19.57 2.69 25.38
C HIS D 75 20.64 1.67 25.06
N ALA D 76 20.86 1.40 23.78
CA ALA D 76 21.87 0.40 23.42
C ALA D 76 23.28 0.97 23.46
N LYS D 77 23.44 2.24 23.82
CA LYS D 77 24.72 2.95 23.88
C LYS D 77 25.34 3.18 22.51
N ARG D 78 24.60 2.88 21.45
CA ARG D 78 25.09 3.13 20.10
C ARG D 78 24.95 4.61 19.76
N LYS D 79 25.54 4.99 18.62
CA LYS D 79 25.38 6.32 18.09
C LYS D 79 24.93 6.31 16.64
N THR D 80 24.71 5.13 16.06
CA THR D 80 24.19 4.98 14.71
C THR D 80 22.77 4.46 14.80
N VAL D 81 21.81 5.28 14.34
CA VAL D 81 20.42 4.86 14.37
C VAL D 81 20.22 3.75 13.34
N THR D 82 19.93 2.55 13.82
CA THR D 82 19.81 1.38 12.96
C THR D 82 18.39 1.24 12.46
N ALA D 83 18.25 0.61 11.29
CA ALA D 83 16.92 0.40 10.73
C ALA D 83 16.01 -0.31 11.70
N MET D 84 16.56 -1.24 12.48
CA MET D 84 15.75 -1.96 13.45
C MET D 84 15.19 -1.02 14.50
N ASP D 85 15.95 0.01 14.87
CA ASP D 85 15.45 1.00 15.82
C ASP D 85 14.24 1.73 15.26
N VAL D 86 14.31 2.12 13.98
CA VAL D 86 13.18 2.79 13.36
C VAL D 86 11.98 1.85 13.31
N VAL D 87 12.22 0.58 12.97
CA VAL D 87 11.12 -0.38 12.90
C VAL D 87 10.47 -0.55 14.27
N TYR D 88 11.27 -0.67 15.32
CA TYR D 88 10.71 -0.82 16.66
C TYR D 88 9.96 0.42 17.09
N ALA D 89 10.50 1.60 16.76
CA ALA D 89 9.81 2.84 17.10
C ALA D 89 8.45 2.91 16.42
N LEU D 90 8.40 2.55 15.13
CA LEU D 90 7.13 2.55 14.43
C LEU D 90 6.18 1.52 15.01
N LYS D 91 6.68 0.33 15.33
CA LYS D 91 5.83 -0.72 15.87
C LYS D 91 5.22 -0.29 17.19
N ARG D 92 6.01 0.34 18.06
CA ARG D 92 5.48 0.83 19.31
C ARG D 92 4.45 1.94 19.10
N GLN D 93 4.51 2.63 17.97
CA GLN D 93 3.53 3.66 17.64
C GLN D 93 2.25 3.07 17.06
N GLY D 94 2.13 1.76 16.99
CA GLY D 94 0.98 1.14 16.37
C GLY D 94 0.92 1.40 14.88
N ARG D 95 2.07 1.44 14.22
CA ARG D 95 2.15 1.69 12.78
C ARG D 95 3.15 0.73 12.16
N THR D 96 3.01 -0.56 12.48
CA THR D 96 3.97 -1.60 12.09
C THR D 96 4.39 -1.44 10.63
N LEU D 97 5.66 -1.76 10.37
CA LEU D 97 6.24 -1.63 9.03
C LEU D 97 6.92 -2.93 8.65
N TYR D 98 6.66 -3.40 7.44
CA TYR D 98 7.26 -4.61 6.93
C TYR D 98 8.29 -4.28 5.86
N GLY D 99 9.31 -5.12 5.75
CA GLY D 99 10.30 -5.01 4.71
C GLY D 99 11.68 -4.59 5.16
N PHE D 100 11.88 -4.34 6.45
CA PHE D 100 13.19 -3.89 6.93
C PHE D 100 13.72 -4.70 8.11
N GLY D 101 12.90 -5.52 8.74
CA GLY D 101 13.36 -6.30 9.87
C GLY D 101 12.19 -6.77 10.70
N GLY D 102 12.52 -7.41 11.81
CA GLY D 102 11.51 -7.94 12.71
C GLY D 102 12.08 -8.59 13.97
N ALA E 14 16.49 -0.29 59.50
CA ALA E 14 15.18 -0.72 59.03
C ALA E 14 15.30 -1.93 58.11
N LYS E 15 14.36 -2.87 58.22
CA LYS E 15 14.42 -4.08 57.42
C LYS E 15 13.89 -3.84 56.00
N SER E 16 12.69 -3.30 55.89
CA SER E 16 12.00 -3.21 54.61
C SER E 16 12.80 -2.41 53.60
N ARG E 17 12.79 -2.87 52.34
CA ARG E 17 13.46 -2.12 51.29
C ARG E 17 12.74 -0.82 50.98
N SER E 18 11.41 -0.78 51.12
CA SER E 18 10.68 0.45 50.87
C SER E 18 11.15 1.58 51.78
N SER E 19 11.40 1.27 53.05
CA SER E 19 11.91 2.27 53.97
C SER E 19 13.29 2.76 53.54
N ARG E 20 14.17 1.82 53.13
CA ARG E 20 15.52 2.21 52.74
C ARG E 20 15.49 3.16 51.55
N ALA E 21 14.71 2.84 50.53
CA ALA E 21 14.63 3.69 49.36
C ALA E 21 13.85 4.97 49.62
N GLY E 22 13.21 5.09 50.78
CA GLY E 22 12.39 6.25 51.09
C GLY E 22 11.04 6.26 50.42
N LEU E 23 10.65 5.15 49.79
CA LEU E 23 9.40 5.07 49.07
C LEU E 23 8.27 4.61 50.00
N GLN E 24 7.04 4.78 49.51
CA GLN E 24 5.87 4.25 50.19
C GLN E 24 5.36 2.96 49.56
N PHE E 25 5.78 2.65 48.34
CA PHE E 25 5.26 1.53 47.59
C PHE E 25 6.02 0.25 47.93
N PRO E 26 5.44 -0.93 47.65
CA PRO E 26 6.03 -2.19 48.10
C PRO E 26 7.16 -2.69 47.21
N VAL E 27 8.39 -2.26 47.48
CA VAL E 27 9.52 -2.67 46.66
C VAL E 27 9.59 -4.19 46.55
N GLY E 28 9.41 -4.89 47.68
CA GLY E 28 9.49 -6.34 47.65
C GLY E 28 8.43 -6.97 46.78
N ARG E 29 7.19 -6.49 46.90
CA ARG E 29 6.10 -7.02 46.07
C ARG E 29 6.36 -6.77 44.60
N VAL E 30 6.88 -5.58 44.27
CA VAL E 30 7.20 -5.28 42.87
C VAL E 30 8.28 -6.21 42.37
N HIS E 31 9.28 -6.50 43.20
CA HIS E 31 10.32 -7.45 42.81
C HIS E 31 9.72 -8.82 42.54
N ARG E 32 8.85 -9.28 43.43
CA ARG E 32 8.20 -10.57 43.22
C ARG E 32 7.44 -10.59 41.90
N LEU E 33 6.62 -9.56 41.67
CA LEU E 33 5.83 -9.51 40.45
C LEU E 33 6.72 -9.51 39.21
N LEU E 34 7.84 -8.78 39.27
CA LEU E 34 8.78 -8.79 38.15
C LEU E 34 9.31 -10.18 37.90
N ARG E 35 9.65 -10.91 38.98
CA ARG E 35 10.16 -12.27 38.79
C ARG E 35 9.07 -13.23 38.35
N LYS E 36 7.95 -13.25 39.08
CA LYS E 36 6.89 -14.21 38.78
C LYS E 36 6.12 -13.86 37.52
N GLY E 37 6.10 -12.57 37.15
CA GLY E 37 5.42 -12.17 35.93
C GLY E 37 6.04 -12.71 34.66
N ASN E 38 7.26 -13.23 34.74
CA ASN E 38 7.93 -13.89 33.62
C ASN E 38 8.32 -12.89 32.55
N TYR E 39 8.73 -11.69 32.97
CA TYR E 39 9.18 -10.68 32.01
C TYR E 39 10.60 -10.92 31.52
N ALA E 40 11.47 -11.48 32.38
CA ALA E 40 12.84 -11.75 31.97
C ALA E 40 13.41 -12.84 32.86
N GLU E 41 14.53 -13.40 32.42
CA GLU E 41 15.17 -14.49 33.16
C GLU E 41 15.73 -14.01 34.49
N ARG E 42 16.23 -12.77 34.55
CA ARG E 42 16.81 -12.23 35.78
C ARG E 42 16.31 -10.81 35.98
N VAL E 43 16.27 -10.39 37.24
CA VAL E 43 15.78 -9.07 37.61
C VAL E 43 16.85 -8.37 38.44
N GLY E 44 17.25 -7.18 38.01
CA GLY E 44 18.26 -6.44 38.72
C GLY E 44 17.78 -5.99 40.08
N ALA E 45 18.75 -5.66 40.95
CA ALA E 45 18.41 -5.22 42.29
C ALA E 45 17.81 -3.82 42.31
N GLY E 46 18.16 -2.99 41.33
CA GLY E 46 17.64 -1.63 41.31
C GLY E 46 16.33 -1.46 40.55
N ALA E 47 15.98 -2.44 39.72
CA ALA E 47 14.76 -2.34 38.94
C ALA E 47 13.51 -2.23 39.82
N PRO E 48 13.32 -3.05 40.87
CA PRO E 48 12.15 -2.85 41.73
C PRO E 48 12.08 -1.46 42.32
N VAL E 49 13.22 -0.92 42.76
CA VAL E 49 13.23 0.41 43.38
C VAL E 49 12.83 1.46 42.37
N TYR E 50 13.43 1.42 41.19
CA TYR E 50 13.11 2.39 40.15
C TYR E 50 11.63 2.32 39.78
N LEU E 51 11.11 1.11 39.57
CA LEU E 51 9.73 0.96 39.17
C LEU E 51 8.77 1.42 40.26
N ALA E 52 9.07 1.08 41.52
CA ALA E 52 8.23 1.52 42.62
C ALA E 52 8.22 3.03 42.73
N ALA E 53 9.38 3.66 42.57
CA ALA E 53 9.43 5.13 42.62
C ALA E 53 8.61 5.74 41.51
N VAL E 54 8.71 5.20 40.30
CA VAL E 54 7.95 5.73 39.17
C VAL E 54 6.45 5.61 39.44
N LEU E 55 6.02 4.43 39.88
CA LEU E 55 4.60 4.23 40.16
C LEU E 55 4.13 5.16 41.26
N GLU E 56 4.93 5.35 42.31
CA GLU E 56 4.54 6.24 43.38
C GLU E 56 4.43 7.67 42.89
N TYR E 57 5.35 8.12 42.04
CA TYR E 57 5.27 9.48 41.54
C TYR E 57 4.01 9.67 40.71
N LEU E 58 3.70 8.72 39.83
CA LEU E 58 2.49 8.86 39.01
C LEU E 58 1.23 8.86 39.86
N THR E 59 1.17 7.97 40.86
CA THR E 59 0.02 7.94 41.75
C THR E 59 -0.12 9.24 42.52
N ALA E 60 0.99 9.78 43.01
CA ALA E 60 0.94 11.05 43.73
C ALA E 60 0.45 12.17 42.83
N GLU E 61 0.92 12.20 41.58
CA GLU E 61 0.45 13.21 40.64
C GLU E 61 -1.06 13.12 40.44
N ILE E 62 -1.55 11.92 40.14
CA ILE E 62 -2.97 11.76 39.86
C ILE E 62 -3.79 12.12 41.07
N LEU E 63 -3.38 11.69 42.26
CA LEU E 63 -4.15 11.98 43.46
C LEU E 63 -4.09 13.45 43.83
N GLU E 64 -2.96 14.12 43.58
CA GLU E 64 -2.90 15.56 43.78
C GLU E 64 -3.93 16.27 42.92
N LEU E 65 -3.95 15.94 41.63
CA LEU E 65 -4.91 16.58 40.73
C LEU E 65 -6.35 16.25 41.11
N ALA E 66 -6.60 14.99 41.48
CA ALA E 66 -7.95 14.58 41.86
C ALA E 66 -8.40 15.27 43.14
N GLY E 67 -7.51 15.42 44.12
CA GLY E 67 -7.86 16.13 45.32
C GLY E 67 -8.14 17.60 45.05
N ASN E 68 -7.36 18.20 44.14
CA ASN E 68 -7.65 19.56 43.71
C ASN E 68 -9.06 19.65 43.13
N ALA E 69 -9.39 18.70 42.26
CA ALA E 69 -10.72 18.71 41.65
C ALA E 69 -11.82 18.54 42.69
N ALA E 70 -11.60 17.63 43.65
CA ALA E 70 -12.61 17.40 44.68
C ALA E 70 -12.80 18.64 45.54
N ARG E 71 -11.71 19.29 45.93
CA ARG E 71 -11.83 20.53 46.69
C ARG E 71 -12.56 21.58 45.88
N ASP E 72 -12.32 21.63 44.57
CA ASP E 72 -13.08 22.55 43.72
C ASP E 72 -14.57 22.24 43.76
N ASN E 73 -14.92 20.98 43.99
CA ASN E 73 -16.32 20.55 44.03
C ASN E 73 -16.90 20.54 45.43
N LYS E 74 -16.15 20.97 46.44
CA LYS E 74 -16.55 21.07 47.85
C LYS E 74 -16.59 19.72 48.55
N LYS E 75 -16.27 18.63 47.87
CA LYS E 75 -16.29 17.32 48.48
C LYS E 75 -14.93 16.95 49.05
N THR E 76 -14.93 16.04 50.02
CA THR E 76 -13.71 15.63 50.69
C THR E 76 -13.24 14.24 50.27
N ARG E 77 -14.09 13.45 49.62
CA ARG E 77 -13.74 12.12 49.17
C ARG E 77 -13.53 12.12 47.67
N ILE E 78 -12.48 11.44 47.23
CA ILE E 78 -12.23 11.28 45.79
C ILE E 78 -13.18 10.21 45.26
N ILE E 79 -13.84 10.52 44.15
CA ILE E 79 -14.77 9.60 43.51
C ILE E 79 -14.44 9.56 42.02
N PRO E 80 -14.84 8.48 41.32
CA PRO E 80 -14.44 8.34 39.90
C PRO E 80 -14.64 9.59 39.07
N ARG E 81 -15.64 10.42 39.39
CA ARG E 81 -15.83 11.66 38.66
C ARG E 81 -14.61 12.56 38.79
N HIS E 82 -14.06 12.68 40.00
CA HIS E 82 -12.89 13.53 40.21
C HIS E 82 -11.66 12.98 39.50
N LEU E 83 -11.48 11.65 39.53
CA LEU E 83 -10.38 11.06 38.78
C LEU E 83 -10.52 11.34 37.30
N GLN E 84 -11.74 11.21 36.76
CA GLN E 84 -11.96 11.50 35.35
C GLN E 84 -11.64 12.95 35.03
N LEU E 85 -12.10 13.88 35.87
CA LEU E 85 -11.84 15.29 35.62
C LEU E 85 -10.35 15.59 35.66
N ALA E 86 -9.65 15.09 36.68
CA ALA E 86 -8.23 15.34 36.79
C ALA E 86 -7.46 14.77 35.60
N ILE E 87 -7.84 13.56 35.17
CA ILE E 87 -7.12 12.91 34.08
C ILE E 87 -7.39 13.63 32.76
N ARG E 88 -8.64 14.03 32.51
CA ARG E 88 -8.98 14.62 31.23
C ARG E 88 -8.52 16.07 31.12
N ASN E 89 -8.56 16.82 32.22
CA ASN E 89 -8.19 18.23 32.16
C ASN E 89 -6.70 18.41 31.94
N ASP E 90 -5.88 17.58 32.59
CA ASP E 90 -4.44 17.68 32.42
C ASP E 90 -4.10 17.32 30.97
N GLU E 91 -3.01 17.92 30.47
CA GLU E 91 -2.69 17.82 29.05
C GLU E 91 -1.71 16.70 28.75
N GLU E 92 -0.98 16.18 29.73
CA GLU E 92 -0.06 15.07 29.49
C GLU E 92 -0.54 13.75 30.05
N LEU E 93 -1.23 13.73 31.18
CA LEU E 93 -1.88 12.50 31.62
C LEU E 93 -2.93 12.05 30.61
N ASN E 94 -3.71 13.00 30.10
CA ASN E 94 -4.71 12.68 29.09
C ASN E 94 -4.09 12.02 27.86
N LYS E 95 -2.82 12.32 27.57
CA LYS E 95 -2.14 11.61 26.50
C LYS E 95 -1.61 10.26 26.94
N LEU E 96 -1.35 10.11 28.24
CA LEU E 96 -0.91 8.81 28.76
C LEU E 96 -2.08 7.83 28.88
N LEU E 97 -3.27 8.33 29.19
CA LEU E 97 -4.46 7.50 29.39
C LEU E 97 -5.57 7.91 28.43
N GLY E 98 -5.21 8.11 27.16
CA GLY E 98 -6.16 8.62 26.19
C GLY E 98 -7.15 7.59 25.68
N ARG E 99 -6.85 6.31 25.81
CA ARG E 99 -7.73 5.25 25.34
C ARG E 99 -8.13 4.33 26.48
N VAL E 100 -8.40 4.91 27.64
CA VAL E 100 -8.75 4.18 28.85
C VAL E 100 -10.10 4.69 29.34
N THR E 101 -11.02 3.77 29.58
CA THR E 101 -12.35 4.11 30.09
C THR E 101 -12.37 3.96 31.60
N ILE E 102 -12.81 5.00 32.29
CA ILE E 102 -12.89 5.01 33.74
C ILE E 102 -14.35 4.89 34.11
N ALA E 103 -14.72 3.77 34.74
CA ALA E 103 -16.11 3.52 35.08
C ALA E 103 -16.67 4.63 35.97
N GLN E 104 -17.92 5.01 35.73
CA GLN E 104 -18.56 6.12 36.43
C GLN E 104 -17.80 7.42 36.23
N GLY E 105 -17.19 7.59 35.06
CA GLY E 105 -16.35 8.74 34.82
C GLY E 105 -17.06 9.98 34.35
N GLY E 106 -18.04 9.81 33.47
CA GLY E 106 -18.67 10.96 32.85
C GLY E 106 -17.80 11.56 31.76
N VAL E 107 -18.09 12.81 31.41
CA VAL E 107 -17.36 13.51 30.36
C VAL E 107 -17.09 14.94 30.82
N LEU E 108 -16.11 15.57 30.18
CA LEU E 108 -15.82 16.97 30.44
C LEU E 108 -16.90 17.84 29.84
N PRO E 109 -17.43 18.82 30.58
CA PRO E 109 -18.40 19.75 29.99
C PRO E 109 -17.78 20.44 28.78
N ASN E 110 -18.42 20.26 27.63
CA ASN E 110 -17.91 20.85 26.38
C ASN E 110 -19.04 20.91 25.38
N ILE E 111 -19.44 22.13 25.01
CA ILE E 111 -20.44 22.35 23.98
C ILE E 111 -19.79 23.16 22.87
N GLN E 112 -19.90 22.66 21.64
CA GLN E 112 -19.25 23.31 20.50
C GLN E 112 -19.79 24.72 20.31
N ALA E 113 -18.91 25.61 19.85
CA ALA E 113 -19.27 27.02 19.73
C ALA E 113 -20.43 27.23 18.76
N VAL E 114 -20.43 26.53 17.63
CA VAL E 114 -21.45 26.74 16.61
C VAL E 114 -22.84 26.42 17.14
N LEU E 115 -22.93 25.54 18.13
CA LEU E 115 -24.22 25.10 18.65
C LEU E 115 -24.79 26.03 19.69
N LEU E 116 -24.02 26.99 20.19
CA LEU E 116 -24.50 27.83 21.27
C LEU E 116 -25.60 28.76 20.77
N PRO E 117 -26.54 29.14 21.64
CA PRO E 117 -27.71 29.90 21.18
C PRO E 117 -27.33 31.29 20.69
N LYS E 118 -28.11 31.78 19.73
CA LYS E 118 -27.90 33.11 19.19
C LYS E 118 -28.86 34.09 19.84
N SER F 32 -9.41 -17.23 48.76
CA SER F 32 -8.08 -17.23 49.38
C SER F 32 -7.56 -15.81 49.54
N ARG F 33 -6.31 -15.69 49.99
CA ARG F 33 -5.73 -14.39 50.26
C ARG F 33 -5.55 -13.60 48.97
N LYS F 34 -6.11 -12.40 48.92
CA LYS F 34 -5.95 -11.48 47.82
C LYS F 34 -5.04 -10.34 48.24
N GLU F 35 -4.40 -9.71 47.27
CA GLU F 35 -3.49 -8.61 47.54
C GLU F 35 -3.66 -7.52 46.48
N SER F 36 -3.35 -6.30 46.87
CA SER F 36 -3.51 -5.15 46.00
C SER F 36 -2.62 -4.02 46.52
N TYR F 37 -2.76 -2.84 45.93
CA TYR F 37 -2.01 -1.65 46.31
C TYR F 37 -2.83 -0.70 47.16
N SER F 38 -3.98 -1.13 47.67
CA SER F 38 -4.87 -0.20 48.36
C SER F 38 -4.24 0.43 49.58
N VAL F 39 -3.33 -0.27 50.25
CA VAL F 39 -2.67 0.31 51.43
C VAL F 39 -1.75 1.46 51.01
N TYR F 40 -0.94 1.23 49.97
CA TYR F 40 0.05 2.22 49.60
C TYR F 40 -0.58 3.41 48.90
N VAL F 41 -1.55 3.16 48.03
CA VAL F 41 -2.25 4.26 47.37
C VAL F 41 -2.84 5.20 48.42
N TYR F 42 -3.30 4.64 49.53
CA TYR F 42 -3.81 5.50 50.60
C TYR F 42 -2.66 6.16 51.35
N LYS F 43 -1.51 5.49 51.46
CA LYS F 43 -0.37 6.09 52.14
C LYS F 43 0.08 7.36 51.44
N VAL F 44 0.18 7.31 50.11
CA VAL F 44 0.56 8.50 49.35
C VAL F 44 -0.49 9.58 49.48
N LEU F 45 -1.77 9.21 49.38
CA LEU F 45 -2.86 10.18 49.48
C LEU F 45 -2.74 10.99 50.77
N LYS F 46 -2.59 10.31 51.90
CA LYS F 46 -2.45 11.00 53.17
C LYS F 46 -1.23 11.90 53.17
N GLN F 47 -0.15 11.48 52.50
CA GLN F 47 1.04 12.31 52.43
C GLN F 47 0.79 13.59 51.66
N VAL F 48 0.01 13.51 50.58
CA VAL F 48 -0.24 14.70 49.75
C VAL F 48 -1.36 15.55 50.35
N HIS F 49 -2.54 14.97 50.52
CA HIS F 49 -3.71 15.68 51.05
C HIS F 49 -4.16 14.99 52.33
N PRO F 50 -3.67 15.43 53.49
CA PRO F 50 -4.00 14.72 54.74
C PRO F 50 -5.49 14.64 55.03
N ASP F 51 -6.25 15.68 54.72
CA ASP F 51 -7.66 15.74 55.08
C ASP F 51 -8.58 15.06 54.08
N THR F 52 -8.08 14.71 52.89
CA THR F 52 -8.91 14.15 51.85
C THR F 52 -9.04 12.65 52.01
N GLY F 53 -10.21 12.12 51.65
CA GLY F 53 -10.45 10.70 51.63
C GLY F 53 -10.68 10.19 50.22
N ILE F 54 -10.80 8.88 50.11
CA ILE F 54 -10.96 8.22 48.82
C ILE F 54 -12.03 7.14 48.94
N SER F 55 -12.96 7.13 48.00
CA SER F 55 -14.04 6.15 48.00
C SER F 55 -13.53 4.80 47.50
N SER F 56 -14.32 3.76 47.77
CA SER F 56 -13.91 2.41 47.42
C SER F 56 -13.72 2.24 45.91
N LYS F 57 -14.67 2.76 45.12
CA LYS F 57 -14.57 2.62 43.67
C LYS F 57 -13.38 3.39 43.13
N ALA F 58 -13.12 4.58 43.68
CA ALA F 58 -11.93 5.33 43.28
C ALA F 58 -10.67 4.56 43.60
N MET F 59 -10.62 3.92 44.76
CA MET F 59 -9.47 3.10 45.11
C MET F 59 -9.29 1.95 44.13
N GLY F 60 -10.39 1.33 43.73
CA GLY F 60 -10.31 0.27 42.74
C GLY F 60 -9.77 0.77 41.41
N ILE F 61 -10.23 1.94 40.98
CA ILE F 61 -9.72 2.52 39.73
C ILE F 61 -8.22 2.79 39.86
N MET F 62 -7.80 3.33 41.01
CA MET F 62 -6.37 3.60 41.20
C MET F 62 -5.57 2.31 41.17
N ASN F 63 -6.09 1.25 41.80
CA ASN F 63 -5.40 -0.04 41.80
C ASN F 63 -5.24 -0.57 40.38
N SER F 64 -6.31 -0.50 39.59
CA SER F 64 -6.22 -0.98 38.21
C SER F 64 -5.27 -0.11 37.39
N PHE F 65 -5.24 1.19 37.66
CA PHE F 65 -4.31 2.09 36.98
C PHE F 65 -2.87 1.69 37.29
N VAL F 66 -2.58 1.43 38.56
CA VAL F 66 -1.24 1.01 38.94
C VAL F 66 -0.87 -0.29 38.25
N ASN F 67 -1.79 -1.25 38.22
CA ASN F 67 -1.53 -2.51 37.54
C ASN F 67 -1.24 -2.30 36.07
N ASP F 68 -2.03 -1.44 35.41
CA ASP F 68 -1.83 -1.22 33.98
C ASP F 68 -0.49 -0.56 33.70
N ILE F 69 -0.12 0.45 34.50
CA ILE F 69 1.16 1.12 34.30
C ILE F 69 2.31 0.16 34.54
N PHE F 70 2.21 -0.64 35.59
CA PHE F 70 3.24 -1.64 35.87
C PHE F 70 3.38 -2.60 34.70
N GLU F 71 2.25 -3.07 34.17
CA GLU F 71 2.30 -3.99 33.03
C GLU F 71 2.96 -3.34 31.83
N ARG F 72 2.59 -2.09 31.53
CA ARG F 72 3.19 -1.41 30.38
C ARG F 72 4.70 -1.29 30.54
N ILE F 73 5.15 -0.78 31.68
CA ILE F 73 6.58 -0.56 31.88
C ILE F 73 7.34 -1.88 31.85
N ALA F 74 6.79 -2.91 32.51
CA ALA F 74 7.45 -4.21 32.52
C ALA F 74 7.54 -4.80 31.13
N GLY F 75 6.45 -4.71 30.35
CA GLY F 75 6.49 -5.23 29.00
C GLY F 75 7.50 -4.51 28.13
N GLU F 76 7.55 -3.18 28.23
CA GLU F 76 8.52 -2.42 27.45
C GLU F 76 9.94 -2.78 27.86
N ALA F 77 10.20 -2.93 29.16
CA ALA F 77 11.53 -3.31 29.61
C ALA F 77 11.90 -4.69 29.11
N SER F 78 10.95 -5.63 29.14
CA SER F 78 11.21 -6.97 28.65
C SER F 78 11.55 -6.95 27.17
N ARG F 79 10.80 -6.16 26.39
CA ARG F 79 11.07 -6.09 24.97
C ARG F 79 12.43 -5.45 24.70
N LEU F 80 12.80 -4.43 25.49
CA LEU F 80 14.13 -3.83 25.34
C LEU F 80 15.22 -4.85 25.61
N ALA F 81 15.08 -5.60 26.70
CA ALA F 81 16.08 -6.62 27.03
C ALA F 81 16.18 -7.66 25.92
N HIS F 82 15.03 -8.08 25.39
CA HIS F 82 15.05 -9.06 24.30
C HIS F 82 15.72 -8.49 23.06
N TYR F 83 15.45 -7.22 22.74
CA TYR F 83 16.08 -6.59 21.59
C TYR F 83 17.59 -6.54 21.74
N ASN F 84 18.07 -6.22 22.94
CA ASN F 84 19.50 -6.07 23.16
C ASN F 84 20.20 -7.38 23.48
N LYS F 85 19.48 -8.50 23.47
CA LYS F 85 20.03 -9.84 23.72
C LYS F 85 20.35 -10.06 25.19
N ARG F 86 20.19 -9.02 26.00
CA ARG F 86 20.46 -9.13 27.42
C ARG F 86 19.32 -9.85 28.12
N SER F 87 19.64 -10.52 29.22
CA SER F 87 18.69 -11.37 29.91
C SER F 87 18.15 -10.79 31.22
N THR F 88 18.80 -9.78 31.77
CA THR F 88 18.42 -9.23 33.07
C THR F 88 17.80 -7.85 32.91
N ILE F 89 16.72 -7.62 33.63
CA ILE F 89 16.07 -6.31 33.65
C ILE F 89 16.77 -5.48 34.71
N THR F 90 17.51 -4.45 34.28
CA THR F 90 18.22 -3.58 35.18
C THR F 90 17.48 -2.24 35.30
N SER F 91 18.05 -1.33 36.08
CA SER F 91 17.41 -0.03 36.26
C SER F 91 17.38 0.76 34.95
N ARG F 92 18.42 0.62 34.13
CA ARG F 92 18.44 1.34 32.86
C ARG F 92 17.28 0.94 31.97
N GLU F 93 16.91 -0.34 31.98
CA GLU F 93 15.76 -0.77 31.19
C GLU F 93 14.49 -0.08 31.66
N ILE F 94 14.30 0.02 32.97
CA ILE F 94 13.13 0.71 33.50
C ILE F 94 13.16 2.17 33.09
N GLN F 95 14.33 2.80 33.18
CA GLN F 95 14.44 4.21 32.82
C GLN F 95 14.08 4.44 31.36
N THR F 96 14.61 3.61 30.47
CA THR F 96 14.32 3.77 29.06
C THR F 96 12.85 3.48 28.76
N ALA F 97 12.28 2.46 29.41
CA ALA F 97 10.86 2.18 29.22
C ALA F 97 10.01 3.36 29.66
N VAL F 98 10.36 3.97 30.79
CA VAL F 98 9.63 5.14 31.25
C VAL F 98 9.76 6.29 30.26
N ARG F 99 10.98 6.52 29.76
CA ARG F 99 11.19 7.57 28.78
C ARG F 99 10.36 7.34 27.53
N LEU F 100 10.18 6.07 27.15
CA LEU F 100 9.40 5.76 25.96
C LEU F 100 7.90 5.90 26.19
N LEU F 101 7.43 5.53 27.38
CA LEU F 101 5.99 5.48 27.61
C LEU F 101 5.41 6.78 28.12
N LEU F 102 6.12 7.46 28.98
CA LEU F 102 5.58 8.66 29.61
C LEU F 102 5.83 9.88 28.75
N PRO F 103 4.83 10.73 28.51
CA PRO F 103 5.02 11.90 27.66
C PRO F 103 5.40 13.16 28.44
N GLY F 104 6.17 14.00 27.78
CA GLY F 104 6.41 15.35 28.26
C GLY F 104 7.05 15.39 29.64
N GLU F 105 6.58 16.33 30.46
CA GLU F 105 7.18 16.57 31.77
C GLU F 105 7.10 15.36 32.68
N LEU F 106 6.14 14.46 32.45
CA LEU F 106 6.05 13.26 33.26
C LEU F 106 7.32 12.43 33.14
N ALA F 107 7.83 12.28 31.92
CA ALA F 107 9.07 11.54 31.73
C ALA F 107 10.19 12.12 32.58
N LYS F 108 10.40 13.43 32.48
CA LYS F 108 11.48 14.07 33.21
C LYS F 108 11.32 13.88 34.71
N HIS F 109 10.15 14.21 35.24
CA HIS F 109 9.96 14.14 36.69
C HIS F 109 10.05 12.72 37.21
N ALA F 110 9.44 11.76 36.50
CA ALA F 110 9.50 10.37 36.94
C ALA F 110 10.92 9.84 36.90
N VAL F 111 11.68 10.18 35.86
CA VAL F 111 13.08 9.74 35.78
C VAL F 111 13.86 10.31 36.94
N SER F 112 13.66 11.60 37.25
CA SER F 112 14.37 12.20 38.37
C SER F 112 14.02 11.51 39.68
N GLU F 113 12.72 11.23 39.90
CA GLU F 113 12.31 10.56 41.13
C GLU F 113 12.91 9.17 41.23
N GLY F 114 12.89 8.42 40.13
CA GLY F 114 13.45 7.08 40.16
C GLY F 114 14.94 7.08 40.43
N THR F 115 15.68 8.01 39.82
CA THR F 115 17.11 8.11 40.08
C THR F 115 17.37 8.48 41.53
N LYS F 116 16.59 9.41 42.08
CA LYS F 116 16.77 9.77 43.48
C LYS F 116 16.53 8.56 44.38
N ALA F 117 15.47 7.81 44.11
CA ALA F 117 15.16 6.64 44.92
C ALA F 117 16.27 5.60 44.84
N VAL F 118 16.77 5.34 43.64
CA VAL F 118 17.82 4.34 43.48
C VAL F 118 19.09 4.77 44.21
N THR F 119 19.46 6.05 44.08
CA THR F 119 20.66 6.54 44.76
C THR F 119 20.51 6.43 46.27
N LYS F 120 19.35 6.82 46.80
CA LYS F 120 19.13 6.69 48.25
C LYS F 120 19.21 5.24 48.69
N TYR F 121 18.60 4.33 47.91
CA TYR F 121 18.65 2.92 48.25
C TYR F 121 20.08 2.39 48.27
N THR F 122 20.88 2.76 47.26
CA THR F 122 22.24 2.27 47.19
C THR F 122 23.13 2.90 48.26
N SER F 123 22.79 4.10 48.73
CA SER F 123 23.60 4.77 49.73
C SER F 123 23.63 4.04 51.06
N SER F 124 22.71 3.11 51.30
CA SER F 124 22.70 2.35 52.55
C SER F 124 22.41 0.88 52.29
N PRO G 38 -48.51 27.64 31.20
CA PRO G 38 -48.42 27.37 29.76
C PRO G 38 -47.25 28.12 29.12
N HIS G 39 -46.21 27.38 28.74
CA HIS G 39 -45.01 27.99 28.19
C HIS G 39 -44.40 27.06 27.16
N ARG G 40 -43.57 27.62 26.29
CA ARG G 40 -42.92 26.83 25.25
C ARG G 40 -41.60 27.49 24.91
N TYR G 41 -40.50 26.72 25.00
CA TYR G 41 -39.19 27.24 24.65
C TYR G 41 -38.91 27.01 23.17
N ARG G 42 -38.12 27.90 22.59
CA ARG G 42 -37.77 27.79 21.18
C ARG G 42 -36.90 26.55 20.97
N PRO G 43 -36.86 26.02 19.75
CA PRO G 43 -36.08 24.82 19.48
C PRO G 43 -34.61 25.01 19.86
N GLY G 44 -34.04 23.94 20.42
CA GLY G 44 -32.65 23.90 20.82
C GLY G 44 -32.35 24.36 22.23
N THR G 45 -33.26 25.09 22.87
CA THR G 45 -32.99 25.53 24.24
C THR G 45 -33.01 24.34 25.20
N VAL G 46 -34.01 23.48 25.07
CA VAL G 46 -34.09 22.35 25.97
C VAL G 46 -33.01 21.34 25.63
N ALA G 47 -32.62 21.26 24.35
CA ALA G 47 -31.55 20.34 24.00
C ALA G 47 -30.25 20.77 24.67
N LEU G 48 -30.01 22.08 24.75
CA LEU G 48 -28.82 22.59 25.43
C LEU G 48 -28.88 22.30 26.92
N ARG G 49 -30.04 22.50 27.53
CA ARG G 49 -30.18 22.15 28.94
C ARG G 49 -29.92 20.67 29.18
N GLU G 50 -30.44 19.82 28.30
CA GLU G 50 -30.20 18.38 28.41
C GLU G 50 -28.72 18.04 28.25
N ILE G 51 -28.04 18.70 27.31
CA ILE G 51 -26.61 18.47 27.13
C ILE G 51 -25.87 18.81 28.42
N ARG G 52 -26.20 19.96 29.00
CA ARG G 52 -25.54 20.35 30.24
C ARG G 52 -25.81 19.34 31.35
N ARG G 53 -27.07 18.88 31.46
CA ARG G 53 -27.42 17.90 32.48
C ARG G 53 -26.60 16.63 32.32
N TYR G 54 -26.57 16.08 31.11
CA TYR G 54 -25.93 14.78 30.92
C TYR G 54 -24.42 14.87 30.77
N GLN G 55 -23.87 16.06 30.66
CA GLN G 55 -22.42 16.22 30.75
C GLN G 55 -21.98 16.59 32.16
N LYS G 56 -22.88 17.02 33.02
CA LYS G 56 -22.54 17.30 34.42
C LYS G 56 -22.70 16.08 35.31
N SER G 57 -23.70 15.23 35.04
CA SER G 57 -23.90 14.01 35.81
C SER G 57 -23.10 12.86 35.20
N THR G 58 -23.12 11.71 35.87
CA THR G 58 -22.32 10.58 35.41
C THR G 58 -23.02 9.22 35.52
N GLU G 59 -24.34 9.17 35.71
CA GLU G 59 -25.02 7.90 35.83
C GLU G 59 -25.04 7.19 34.47
N LEU G 60 -25.57 5.96 34.48
CA LEU G 60 -25.76 5.24 33.23
C LEU G 60 -26.96 5.82 32.48
N LEU G 61 -26.99 5.56 31.17
CA LEU G 61 -27.99 6.13 30.30
C LEU G 61 -28.87 5.11 29.61
N ILE G 62 -28.39 3.90 29.41
CA ILE G 62 -29.19 2.80 28.87
C ILE G 62 -29.80 2.04 30.02
N ARG G 63 -31.08 1.67 29.87
CA ARG G 63 -31.75 0.88 30.89
C ARG G 63 -31.05 -0.47 31.04
N LYS G 64 -31.02 -0.99 32.27
CA LYS G 64 -30.16 -2.13 32.56
C LYS G 64 -30.72 -3.42 31.98
N LEU G 65 -31.95 -3.78 32.33
CA LEU G 65 -32.51 -5.04 31.87
C LEU G 65 -32.51 -5.19 30.35
N PRO G 66 -32.88 -4.18 29.55
CA PRO G 66 -32.78 -4.35 28.10
C PRO G 66 -31.37 -4.68 27.63
N PHE G 67 -30.36 -4.04 28.21
CA PHE G 67 -28.99 -4.32 27.80
C PHE G 67 -28.56 -5.72 28.22
N GLN G 68 -28.99 -6.15 29.40
CA GLN G 68 -28.71 -7.52 29.84
C GLN G 68 -29.31 -8.53 28.87
N ARG G 69 -30.56 -8.30 28.47
CA ARG G 69 -31.18 -9.19 27.51
C ARG G 69 -30.46 -9.15 26.18
N LEU G 70 -29.98 -7.97 25.77
CA LEU G 70 -29.25 -7.87 24.52
C LEU G 70 -27.95 -8.67 24.56
N VAL G 71 -27.19 -8.55 25.64
CA VAL G 71 -25.93 -9.28 25.71
C VAL G 71 -26.20 -10.78 25.75
N ARG G 72 -27.23 -11.22 26.46
CA ARG G 72 -27.55 -12.64 26.46
C ARG G 72 -27.95 -13.12 25.07
N GLU G 73 -28.73 -12.32 24.36
CA GLU G 73 -29.13 -12.67 23.00
C GLU G 73 -27.92 -12.79 22.10
N ILE G 74 -26.99 -11.85 22.20
CA ILE G 74 -25.78 -11.95 21.39
C ILE G 74 -25.03 -13.20 21.75
N ALA G 75 -24.91 -13.48 23.06
CA ALA G 75 -24.13 -14.63 23.51
C ALA G 75 -24.67 -15.93 22.96
N GLN G 76 -25.98 -15.99 22.70
CA GLN G 76 -26.55 -17.26 22.23
C GLN G 76 -25.86 -17.77 20.97
N ASP G 77 -25.38 -16.87 20.12
CA ASP G 77 -24.79 -17.25 18.84
C ASP G 77 -23.42 -17.88 18.96
N PHE G 78 -22.76 -17.77 20.11
CA PHE G 78 -21.40 -18.26 20.28
C PHE G 78 -21.33 -19.52 21.11
N LYS G 79 -21.93 -19.53 22.29
CA LYS G 79 -22.03 -20.73 23.10
C LYS G 79 -23.41 -20.77 23.75
N THR G 80 -23.90 -21.98 23.97
CA THR G 80 -25.24 -22.16 24.52
C THR G 80 -25.21 -21.98 26.04
N ASP G 81 -26.39 -21.67 26.58
CA ASP G 81 -26.71 -21.59 28.00
C ASP G 81 -25.53 -21.14 28.84
N LEU G 82 -24.95 -20.00 28.49
CA LEU G 82 -23.93 -19.38 29.33
C LEU G 82 -24.58 -18.71 30.54
N ARG G 83 -23.75 -18.43 31.53
CA ARG G 83 -24.17 -17.69 32.72
C ARG G 83 -23.26 -16.48 32.87
N PHE G 84 -23.84 -15.33 33.16
CA PHE G 84 -23.10 -14.08 33.19
C PHE G 84 -23.00 -13.57 34.62
N GLN G 85 -21.80 -13.17 35.02
CA GLN G 85 -21.64 -12.45 36.26
C GLN G 85 -22.27 -11.07 36.14
N SER G 86 -22.83 -10.59 37.24
CA SER G 86 -23.41 -9.24 37.24
C SER G 86 -22.35 -8.21 36.89
N ALA G 87 -21.16 -8.36 37.46
CA ALA G 87 -20.07 -7.43 37.15
C ALA G 87 -19.70 -7.48 35.68
N ALA G 88 -19.78 -8.64 35.05
CA ALA G 88 -19.46 -8.74 33.63
C ALA G 88 -20.43 -7.91 32.80
N ILE G 89 -21.72 -8.00 33.09
CA ILE G 89 -22.70 -7.21 32.36
C ILE G 89 -22.55 -5.74 32.67
N GLY G 90 -22.23 -5.40 33.91
CA GLY G 90 -21.96 -4.02 34.25
C GLY G 90 -20.81 -3.44 33.44
N ALA G 91 -19.71 -4.18 33.34
CA ALA G 91 -18.56 -3.72 32.57
C ALA G 91 -18.91 -3.60 31.09
N LEU G 92 -19.64 -4.59 30.56
CA LEU G 92 -20.07 -4.51 29.16
C LEU G 92 -20.87 -3.23 28.91
N GLN G 93 -21.83 -2.95 29.79
CA GLN G 93 -22.67 -1.77 29.61
C GLN G 93 -21.86 -0.49 29.69
N GLU G 94 -20.95 -0.42 30.67
CA GLU G 94 -20.14 0.78 30.84
C GLU G 94 -19.29 1.04 29.59
N ALA G 95 -18.61 0.00 29.11
CA ALA G 95 -17.80 0.16 27.91
C ALA G 95 -18.64 0.54 26.71
N SER G 96 -19.82 -0.06 26.56
CA SER G 96 -20.66 0.24 25.42
C SER G 96 -21.11 1.70 25.43
N GLU G 97 -21.54 2.19 26.59
CA GLU G 97 -21.95 3.59 26.67
C GLU G 97 -20.79 4.52 26.39
N ALA G 98 -19.60 4.22 26.93
CA ALA G 98 -18.45 5.08 26.65
C ALA G 98 -18.14 5.12 25.16
N TYR G 99 -18.16 3.96 24.52
CA TYR G 99 -17.88 3.90 23.08
C TYR G 99 -18.89 4.70 22.29
N LEU G 100 -20.18 4.58 22.63
CA LEU G 100 -21.20 5.31 21.89
C LEU G 100 -21.07 6.82 22.11
N VAL G 101 -20.73 7.24 23.33
CA VAL G 101 -20.57 8.67 23.57
C VAL G 101 -19.41 9.23 22.76
N GLY G 102 -18.28 8.51 22.73
CA GLY G 102 -17.17 8.95 21.90
C GLY G 102 -17.54 9.01 20.43
N LEU G 103 -18.25 7.99 19.95
CA LEU G 103 -18.69 7.98 18.56
C LEU G 103 -19.58 9.17 18.25
N PHE G 104 -20.47 9.52 19.18
CA PHE G 104 -21.36 10.65 18.94
C PHE G 104 -20.61 11.97 18.97
N GLU G 105 -19.57 12.10 19.80
CA GLU G 105 -18.74 13.29 19.74
C GLU G 105 -18.09 13.44 18.37
N ASP G 106 -17.52 12.35 17.85
CA ASP G 106 -16.91 12.41 16.52
C ASP G 106 -17.95 12.74 15.44
N THR G 107 -19.15 12.16 15.57
CA THR G 107 -20.22 12.44 14.62
C THR G 107 -20.60 13.91 14.65
N ASN G 108 -20.70 14.48 15.86
CA ASN G 108 -21.01 15.91 15.96
C ASN G 108 -19.94 16.74 15.31
N LEU G 109 -18.67 16.35 15.48
CA LEU G 109 -17.58 17.07 14.82
C LEU G 109 -17.78 17.08 13.31
N CYS G 110 -18.10 15.92 12.74
CA CYS G 110 -18.32 15.87 11.29
C CYS G 110 -19.52 16.72 10.87
N ALA G 111 -20.61 16.64 11.62
CA ALA G 111 -21.80 17.39 11.26
C ALA G 111 -21.53 18.89 11.27
N ILE G 112 -20.80 19.37 12.26
CA ILE G 112 -20.41 20.79 12.28
C ILE G 112 -19.50 21.09 11.10
N HIS G 113 -18.57 20.19 10.80
CA HIS G 113 -17.65 20.43 9.70
C HIS G 113 -18.41 20.62 8.39
N ALA G 114 -19.52 19.91 8.21
CA ALA G 114 -20.30 20.03 6.99
C ALA G 114 -21.29 21.19 7.02
N LYS G 115 -21.11 22.15 7.92
CA LYS G 115 -21.97 23.33 8.07
C LYS G 115 -23.39 22.97 8.49
N ARG G 116 -23.60 21.79 9.05
CA ARG G 116 -24.89 21.37 9.57
C ARG G 116 -24.86 21.31 11.08
N VAL G 117 -26.06 21.33 11.67
CA VAL G 117 -26.22 21.15 13.11
C VAL G 117 -26.82 19.80 13.45
N THR G 118 -27.52 19.16 12.51
CA THR G 118 -28.12 17.85 12.75
C THR G 118 -27.13 16.76 12.37
N ILE G 119 -27.01 15.75 13.22
CA ILE G 119 -26.20 14.59 12.90
C ILE G 119 -27.02 13.62 12.07
N MET G 120 -26.40 13.01 11.07
CA MET G 120 -27.07 12.15 10.12
C MET G 120 -26.27 10.87 9.92
N PRO G 121 -26.89 9.81 9.39
CA PRO G 121 -26.17 8.54 9.26
C PRO G 121 -24.86 8.65 8.49
N LYS G 122 -24.81 9.49 7.45
CA LYS G 122 -23.57 9.66 6.72
C LYS G 122 -22.46 10.18 7.63
N ASP G 123 -22.80 11.00 8.62
CA ASP G 123 -21.79 11.47 9.57
C ASP G 123 -21.22 10.32 10.38
N ILE G 124 -22.09 9.43 10.88
CA ILE G 124 -21.62 8.28 11.64
C ILE G 124 -20.76 7.39 10.76
N GLN G 125 -21.17 7.17 9.52
CA GLN G 125 -20.39 6.34 8.62
C GLN G 125 -19.02 6.95 8.37
N LEU G 126 -18.96 8.27 8.20
CA LEU G 126 -17.67 8.94 8.03
C LEU G 126 -16.79 8.77 9.27
N ALA G 127 -17.37 8.96 10.46
CA ALA G 127 -16.58 8.81 11.68
C ALA G 127 -16.05 7.39 11.82
N ARG G 128 -16.91 6.40 11.56
CA ARG G 128 -16.48 5.00 11.62
C ARG G 128 -15.37 4.73 10.62
N ARG G 129 -15.53 5.19 9.38
CA ARG G 129 -14.53 4.93 8.35
C ARG G 129 -13.19 5.56 8.72
N ILE G 130 -13.21 6.79 9.21
CA ILE G 130 -11.97 7.48 9.54
C ILE G 130 -11.30 6.83 10.75
N ARG G 131 -12.09 6.41 11.73
CA ARG G 131 -11.54 5.75 12.91
C ARG G 131 -10.84 4.44 12.57
N GLY G 132 -11.06 3.90 11.39
CA GLY G 132 -10.56 2.59 11.04
C GLY G 132 -11.52 1.45 11.31
N GLU G 133 -12.66 1.72 11.93
CA GLU G 133 -13.64 0.68 12.17
C GLU G 133 -14.33 0.28 10.88
N ARG G 134 -15.00 -0.87 10.91
CA ARG G 134 -15.68 -1.38 9.73
C ARG G 134 -17.05 -0.74 9.56
N SER H 16 12.57 -36.59 12.08
CA SER H 16 12.44 -35.22 12.55
C SER H 16 10.99 -34.92 12.91
N ARG H 17 10.78 -33.84 13.67
CA ARG H 17 9.43 -33.50 14.10
C ARG H 17 8.65 -32.80 12.99
N SER H 18 9.32 -32.06 12.11
CA SER H 18 8.63 -31.47 10.97
C SER H 18 8.10 -32.55 10.04
N SER H 19 8.89 -33.58 9.78
CA SER H 19 8.44 -34.67 8.93
C SER H 19 7.28 -35.44 9.56
N ARG H 20 7.37 -35.71 10.86
CA ARG H 20 6.33 -36.50 11.53
C ARG H 20 4.98 -35.80 11.49
N ALA H 21 4.96 -34.50 11.77
CA ALA H 21 3.71 -33.75 11.75
C ALA H 21 3.21 -33.48 10.34
N GLY H 22 4.00 -33.78 9.31
CA GLY H 22 3.59 -33.52 7.95
C GLY H 22 3.68 -32.08 7.53
N LEU H 23 4.27 -31.22 8.35
CA LEU H 23 4.37 -29.81 8.04
C LEU H 23 5.65 -29.53 7.26
N GLN H 24 5.73 -28.32 6.70
CA GLN H 24 6.93 -27.85 6.03
C GLN H 24 7.75 -26.90 6.88
N PHE H 25 7.13 -26.20 7.82
CA PHE H 25 7.84 -25.28 8.67
C PHE H 25 8.67 -26.03 9.71
N PRO H 26 9.67 -25.39 10.30
CA PRO H 26 10.53 -26.08 11.28
C PRO H 26 9.89 -26.09 12.66
N VAL H 27 9.54 -27.28 13.14
CA VAL H 27 8.99 -27.39 14.49
C VAL H 27 10.06 -27.11 15.53
N GLY H 28 11.29 -27.56 15.27
CA GLY H 28 12.36 -27.37 16.23
C GLY H 28 12.64 -25.89 16.49
N ARG H 29 12.72 -25.10 15.42
CA ARG H 29 12.98 -23.67 15.58
C ARG H 29 11.84 -22.99 16.32
N VAL H 30 10.59 -23.35 16.02
CA VAL H 30 9.46 -22.75 16.71
C VAL H 30 9.52 -23.10 18.19
N HIS H 31 9.87 -24.35 18.51
CA HIS H 31 9.99 -24.75 19.90
C HIS H 31 11.09 -23.96 20.60
N ARG H 32 12.24 -23.81 19.95
CA ARG H 32 13.34 -23.07 20.55
C ARG H 32 12.96 -21.61 20.78
N LEU H 33 12.21 -21.03 19.85
CA LEU H 33 11.82 -19.63 20.00
C LEU H 33 10.78 -19.48 21.11
N LEU H 34 9.84 -20.42 21.21
CA LEU H 34 8.91 -20.41 22.32
C LEU H 34 9.63 -20.58 23.65
N ARG H 35 10.78 -21.26 23.64
CA ARG H 35 11.54 -21.46 24.87
C ARG H 35 12.32 -20.21 25.24
N LYS H 36 13.23 -19.79 24.35
CA LYS H 36 14.09 -18.64 24.62
C LYS H 36 13.31 -17.34 24.70
N GLY H 37 12.18 -17.26 24.00
CA GLY H 37 11.37 -16.05 24.01
C GLY H 37 10.83 -15.68 25.37
N ASN H 38 10.89 -16.60 26.33
CA ASN H 38 10.47 -16.34 27.71
C ASN H 38 8.98 -16.02 27.78
N TYR H 39 8.18 -16.74 26.98
CA TYR H 39 6.74 -16.56 27.01
C TYR H 39 6.09 -17.25 28.20
N ALA H 40 6.64 -18.38 28.63
CA ALA H 40 6.11 -19.08 29.79
C ALA H 40 7.20 -19.94 30.39
N GLU H 41 6.95 -20.43 31.60
CA GLU H 41 7.97 -21.19 32.32
C GLU H 41 8.19 -22.56 31.67
N ARG H 42 7.15 -23.15 31.10
CA ARG H 42 7.26 -24.43 30.43
C ARG H 42 6.55 -24.35 29.09
N VAL H 43 6.93 -25.24 28.18
CA VAL H 43 6.37 -25.27 26.83
C VAL H 43 6.02 -26.72 26.51
N GLY H 44 4.73 -27.01 26.37
CA GLY H 44 4.31 -28.36 26.05
C GLY H 44 4.78 -28.80 24.69
N ALA H 45 4.78 -30.12 24.50
CA ALA H 45 5.23 -30.68 23.22
C ALA H 45 4.32 -30.31 22.08
N GLY H 46 3.01 -30.19 22.33
CA GLY H 46 2.08 -29.92 21.25
C GLY H 46 2.09 -28.50 20.74
N ALA H 47 2.59 -27.55 21.54
CA ALA H 47 2.54 -26.16 21.14
C ALA H 47 3.32 -25.86 19.86
N PRO H 48 4.60 -26.23 19.75
CA PRO H 48 5.32 -25.89 18.51
C PRO H 48 4.70 -26.50 17.26
N VAL H 49 4.19 -27.72 17.33
CA VAL H 49 3.57 -28.33 16.16
C VAL H 49 2.35 -27.53 15.72
N TYR H 50 1.47 -27.20 16.66
CA TYR H 50 0.28 -26.43 16.35
C TYR H 50 0.66 -25.08 15.76
N LEU H 51 1.61 -24.40 16.38
CA LEU H 51 2.01 -23.07 15.93
C LEU H 51 2.61 -23.12 14.53
N ALA H 52 3.47 -24.11 14.28
CA ALA H 52 4.06 -24.25 12.96
C ALA H 52 2.99 -24.52 11.91
N ALA H 53 2.02 -25.35 12.25
CA ALA H 53 0.93 -25.61 11.31
C ALA H 53 0.16 -24.33 10.98
N VAL H 54 -0.13 -23.53 12.00
CA VAL H 54 -0.87 -22.28 11.77
C VAL H 54 -0.06 -21.34 10.89
N LEU H 55 1.23 -21.18 11.20
CA LEU H 55 2.08 -20.29 10.41
C LEU H 55 2.16 -20.76 8.97
N GLU H 56 2.31 -22.07 8.77
CA GLU H 56 2.40 -22.62 7.42
C GLU H 56 1.10 -22.38 6.66
N TYR H 57 -0.04 -22.55 7.33
CA TYR H 57 -1.32 -22.29 6.66
C TYR H 57 -1.43 -20.85 6.22
N LEU H 58 -1.12 -19.91 7.12
CA LEU H 58 -1.26 -18.50 6.77
C LEU H 58 -0.32 -18.13 5.64
N THR H 59 0.92 -18.63 5.68
CA THR H 59 1.86 -18.35 4.61
C THR H 59 1.36 -18.91 3.28
N ALA H 60 0.82 -20.13 3.30
CA ALA H 60 0.30 -20.72 2.06
C ALA H 60 -0.84 -19.89 1.51
N GLU H 61 -1.74 -19.44 2.38
CA GLU H 61 -2.88 -18.64 1.93
C GLU H 61 -2.42 -17.35 1.27
N ILE H 62 -1.56 -16.59 1.96
CA ILE H 62 -1.14 -15.30 1.42
C ILE H 62 -0.32 -15.49 0.15
N LEU H 63 0.51 -16.54 0.10
CA LEU H 63 1.28 -16.79 -1.12
C LEU H 63 0.38 -17.17 -2.28
N GLU H 64 -0.68 -17.94 -2.02
CA GLU H 64 -1.62 -18.27 -3.08
C GLU H 64 -2.26 -17.01 -3.64
N LEU H 65 -2.73 -16.12 -2.76
CA LEU H 65 -3.35 -14.90 -3.23
C LEU H 65 -2.36 -14.03 -4.00
N ALA H 66 -1.13 -13.92 -3.49
CA ALA H 66 -0.12 -13.13 -4.18
C ALA H 66 0.21 -13.70 -5.55
N GLY H 67 0.32 -15.03 -5.65
CA GLY H 67 0.58 -15.64 -6.93
C GLY H 67 -0.55 -15.41 -7.92
N ASN H 68 -1.79 -15.48 -7.45
CA ASN H 68 -2.92 -15.17 -8.31
C ASN H 68 -2.83 -13.73 -8.81
N ALA H 69 -2.53 -12.79 -7.91
CA ALA H 69 -2.41 -11.40 -8.32
C ALA H 69 -1.29 -11.22 -9.35
N ALA H 70 -0.15 -11.87 -9.13
CA ALA H 70 0.96 -11.77 -10.07
C ALA H 70 0.58 -12.34 -11.43
N ARG H 71 -0.12 -13.47 -11.44
CA ARG H 71 -0.60 -14.04 -12.70
C ARG H 71 -1.53 -13.08 -13.41
N ASP H 72 -2.36 -12.36 -12.64
CA ASP H 72 -3.23 -11.35 -13.24
C ASP H 72 -2.42 -10.30 -13.99
N ASN H 73 -1.26 -9.94 -13.46
CA ASN H 73 -0.40 -8.92 -14.04
C ASN H 73 0.56 -9.46 -15.08
N LYS H 74 0.45 -10.75 -15.44
CA LYS H 74 1.31 -11.39 -16.43
C LYS H 74 2.76 -11.47 -15.95
N LYS H 75 2.98 -11.49 -14.64
CA LYS H 75 4.30 -11.63 -14.06
C LYS H 75 4.43 -12.99 -13.39
N THR H 76 5.66 -13.48 -13.32
CA THR H 76 5.96 -14.77 -12.70
C THR H 76 6.63 -14.65 -11.35
N ARG H 77 6.98 -13.45 -10.92
CA ARG H 77 7.61 -13.22 -9.62
C ARG H 77 6.67 -12.44 -8.72
N ILE H 78 6.63 -12.83 -7.46
CA ILE H 78 5.88 -12.07 -6.46
C ILE H 78 6.76 -10.94 -5.94
N ILE H 79 6.23 -9.71 -6.01
CA ILE H 79 6.94 -8.53 -5.55
C ILE H 79 6.02 -7.78 -4.59
N PRO H 80 6.57 -6.97 -3.69
CA PRO H 80 5.74 -6.35 -2.64
C PRO H 80 4.44 -5.74 -3.15
N ARG H 81 4.40 -5.29 -4.40
CA ARG H 81 3.15 -4.78 -4.96
C ARG H 81 2.09 -5.88 -4.97
N HIS H 82 2.47 -7.09 -5.39
CA HIS H 82 1.50 -8.18 -5.40
C HIS H 82 1.08 -8.57 -4.00
N LEU H 83 2.00 -8.55 -3.03
CA LEU H 83 1.61 -8.83 -1.66
C LEU H 83 0.62 -7.79 -1.15
N GLN H 84 0.85 -6.52 -1.45
CA GLN H 84 -0.09 -5.49 -1.03
C GLN H 84 -1.45 -5.70 -1.68
N LEU H 85 -1.47 -6.00 -2.98
CA LEU H 85 -2.74 -6.22 -3.66
C LEU H 85 -3.50 -7.40 -3.06
N ALA H 86 -2.79 -8.50 -2.81
CA ALA H 86 -3.42 -9.67 -2.22
C ALA H 86 -3.97 -9.36 -0.84
N ILE H 87 -3.21 -8.64 -0.04
CA ILE H 87 -3.61 -8.35 1.33
C ILE H 87 -4.84 -7.44 1.35
N ARG H 88 -4.85 -6.39 0.53
CA ARG H 88 -5.93 -5.43 0.60
C ARG H 88 -7.19 -5.91 -0.13
N ASN H 89 -7.04 -6.71 -1.19
CA ASN H 89 -8.22 -7.18 -1.91
C ASN H 89 -8.94 -8.30 -1.17
N ASP H 90 -8.30 -8.93 -0.19
CA ASP H 90 -8.91 -10.02 0.56
C ASP H 90 -9.51 -9.43 1.82
N GLU H 91 -10.81 -9.63 2.01
CA GLU H 91 -11.52 -9.04 3.14
C GLU H 91 -11.04 -9.57 4.48
N GLU H 92 -10.39 -10.73 4.51
CA GLU H 92 -9.97 -11.34 5.78
C GLU H 92 -8.57 -10.88 6.16
N LEU H 93 -7.60 -11.09 5.26
CA LEU H 93 -6.25 -10.62 5.50
C LEU H 93 -6.22 -9.14 5.80
N ASN H 94 -7.03 -8.35 5.10
CA ASN H 94 -7.12 -6.92 5.36
C ASN H 94 -7.42 -6.63 6.82
N LYS H 95 -8.36 -7.37 7.40
CA LYS H 95 -8.63 -7.20 8.83
C LYS H 95 -7.46 -7.67 9.67
N LEU H 96 -6.84 -8.79 9.27
CA LEU H 96 -5.71 -9.30 10.04
C LEU H 96 -4.52 -8.34 10.00
N LEU H 97 -4.24 -7.76 8.84
CA LEU H 97 -3.08 -6.90 8.64
C LEU H 97 -3.48 -5.48 8.26
N GLY H 98 -4.49 -4.93 8.92
CA GLY H 98 -4.94 -3.59 8.59
C GLY H 98 -3.91 -2.51 8.92
N ARG H 99 -3.27 -2.62 10.08
CA ARG H 99 -2.42 -1.54 10.55
C ARG H 99 -1.03 -1.56 9.96
N VAL H 100 -0.60 -2.65 9.32
CA VAL H 100 0.78 -2.77 8.85
C VAL H 100 0.91 -2.11 7.49
N THR H 101 2.04 -1.46 7.28
CA THR H 101 2.39 -0.87 5.99
C THR H 101 3.47 -1.71 5.33
N ILE H 102 3.39 -1.85 4.01
CA ILE H 102 4.28 -2.73 3.27
C ILE H 102 5.14 -1.85 2.37
N ALA H 103 6.46 -1.93 2.56
CA ALA H 103 7.38 -1.15 1.74
C ALA H 103 7.21 -1.48 0.27
N GLN H 104 7.16 -0.44 -0.56
CA GLN H 104 6.93 -0.58 -1.99
C GLN H 104 5.56 -1.20 -2.28
N GLY H 105 4.61 -0.99 -1.38
CA GLY H 105 3.29 -1.57 -1.54
C GLY H 105 2.34 -0.74 -2.38
N GLY H 106 2.53 0.57 -2.38
CA GLY H 106 1.58 1.40 -3.09
C GLY H 106 0.23 1.36 -2.40
N VAL H 107 -0.80 1.77 -3.14
CA VAL H 107 -2.17 1.77 -2.65
C VAL H 107 -3.08 1.19 -3.71
N LEU H 108 -4.24 0.72 -3.28
CA LEU H 108 -5.19 0.12 -4.21
C LEU H 108 -5.83 1.18 -5.07
N PRO H 109 -5.80 1.03 -6.40
CA PRO H 109 -6.44 2.01 -7.27
C PRO H 109 -7.88 2.28 -6.86
N ASN H 110 -8.17 3.53 -6.49
CA ASN H 110 -9.51 3.88 -6.03
C ASN H 110 -9.69 5.38 -6.17
N ILE H 111 -10.66 5.78 -7.00
CA ILE H 111 -10.99 7.18 -7.20
C ILE H 111 -12.46 7.36 -6.84
N GLN H 112 -12.73 8.31 -5.95
CA GLN H 112 -14.10 8.55 -5.51
C GLN H 112 -14.99 8.86 -6.71
N ALA H 113 -16.19 8.29 -6.71
CA ALA H 113 -17.10 8.48 -7.83
C ALA H 113 -17.47 9.93 -8.05
N VAL H 114 -17.57 10.71 -6.97
CA VAL H 114 -17.96 12.11 -7.10
C VAL H 114 -16.93 12.90 -7.92
N LEU H 115 -15.69 12.44 -7.93
CA LEU H 115 -14.62 13.16 -8.62
C LEU H 115 -14.59 12.89 -10.12
N LEU H 116 -15.32 11.89 -10.60
CA LEU H 116 -15.28 11.54 -12.00
C LEU H 116 -15.97 12.59 -12.84
N PRO H 117 -15.61 12.72 -14.11
CA PRO H 117 -16.24 13.72 -14.97
C PRO H 117 -17.68 13.37 -15.28
N LYS H 118 -18.45 14.40 -15.60
CA LYS H 118 -19.88 14.24 -15.87
C LYS H 118 -20.12 13.65 -17.26
N SER I 32 27.98 -12.88 10.85
CA SER I 32 27.55 -14.02 11.65
C SER I 32 26.39 -14.76 10.97
N ARG I 33 25.74 -15.64 11.73
CA ARG I 33 24.69 -16.50 11.22
C ARG I 33 23.33 -15.92 11.60
N LYS I 34 22.51 -15.61 10.60
CA LYS I 34 21.21 -14.99 10.79
C LYS I 34 20.11 -15.99 10.43
N GLU I 35 19.18 -16.20 11.35
CA GLU I 35 18.08 -17.14 11.15
C GLU I 35 16.92 -16.44 10.45
N SER I 36 16.32 -17.13 9.49
CA SER I 36 15.20 -16.58 8.74
C SER I 36 14.36 -17.72 8.20
N TYR I 37 13.15 -17.39 7.78
CA TYR I 37 12.21 -18.35 7.22
C TYR I 37 12.25 -18.40 5.71
N SER I 38 13.25 -17.77 5.09
CA SER I 38 13.28 -17.68 3.63
C SER I 38 13.33 -19.04 2.95
N VAL I 39 13.73 -20.09 3.68
CA VAL I 39 13.74 -21.42 3.10
C VAL I 39 12.35 -22.03 3.11
N TYR I 40 11.71 -22.02 4.28
CA TYR I 40 10.42 -22.70 4.41
C TYR I 40 9.33 -21.98 3.62
N VAL I 41 9.35 -20.64 3.62
CA VAL I 41 8.36 -19.90 2.86
C VAL I 41 8.44 -20.27 1.38
N TYR I 42 9.66 -20.38 0.85
CA TYR I 42 9.82 -20.80 -0.53
C TYR I 42 9.33 -22.23 -0.73
N LYS I 43 9.56 -23.11 0.25
CA LYS I 43 9.08 -24.48 0.14
C LYS I 43 7.57 -24.52 0.01
N VAL I 44 6.87 -23.70 0.78
CA VAL I 44 5.42 -23.62 0.69
C VAL I 44 5.02 -23.05 -0.67
N LEU I 45 5.74 -22.05 -1.17
CA LEU I 45 5.39 -21.41 -2.43
C LEU I 45 5.33 -22.42 -3.56
N LYS I 46 6.40 -23.20 -3.74
CA LYS I 46 6.41 -24.18 -4.81
C LYS I 46 5.43 -25.31 -4.56
N GLN I 47 4.94 -25.46 -3.33
CA GLN I 47 3.88 -26.43 -3.06
C GLN I 47 2.53 -25.91 -3.53
N VAL I 48 2.32 -24.60 -3.53
CA VAL I 48 1.05 -24.00 -3.91
C VAL I 48 1.06 -23.54 -5.36
N HIS I 49 2.09 -22.80 -5.76
CA HIS I 49 2.22 -22.27 -7.12
C HIS I 49 3.54 -22.76 -7.70
N PRO I 50 3.57 -23.96 -8.29
CA PRO I 50 4.85 -24.53 -8.75
C PRO I 50 5.60 -23.64 -9.74
N ASP I 51 4.88 -22.96 -10.64
CA ASP I 51 5.53 -22.13 -11.64
C ASP I 51 6.10 -20.86 -11.03
N THR I 52 5.33 -20.23 -10.13
CA THR I 52 5.65 -18.90 -9.64
C THR I 52 6.99 -18.88 -8.90
N GLY I 53 7.65 -17.72 -8.95
CA GLY I 53 8.82 -17.45 -8.14
C GLY I 53 8.59 -16.23 -7.25
N ILE I 54 9.59 -15.95 -6.43
CA ILE I 54 9.50 -14.87 -5.45
C ILE I 54 10.81 -14.11 -5.39
N SER I 55 10.71 -12.79 -5.31
CA SER I 55 11.86 -11.90 -5.24
C SER I 55 12.31 -11.73 -3.80
N SER I 56 13.55 -11.26 -3.62
CA SER I 56 14.09 -11.09 -2.28
C SER I 56 13.30 -10.09 -1.47
N LYS I 57 12.86 -8.99 -2.08
CA LYS I 57 12.09 -8.00 -1.35
C LYS I 57 10.81 -8.60 -0.77
N ALA I 58 10.14 -9.45 -1.55
CA ALA I 58 8.93 -10.08 -1.04
C ALA I 58 9.27 -11.16 -0.04
N MET I 59 10.42 -11.82 -0.19
CA MET I 59 10.80 -12.81 0.81
C MET I 59 11.02 -12.13 2.16
N GLY I 60 11.64 -10.95 2.14
CA GLY I 60 11.77 -10.17 3.36
C GLY I 60 10.43 -9.77 3.96
N ILE I 61 9.49 -9.37 3.10
CA ILE I 61 8.15 -9.04 3.60
C ILE I 61 7.52 -10.26 4.26
N MET I 62 7.62 -11.42 3.61
CA MET I 62 7.05 -12.64 4.15
C MET I 62 7.70 -13.02 5.48
N ASN I 63 9.01 -12.92 5.57
CA ASN I 63 9.71 -13.25 6.80
C ASN I 63 9.27 -12.35 7.93
N SER I 64 9.18 -11.05 7.68
CA SER I 64 8.74 -10.13 8.71
C SER I 64 7.30 -10.42 9.12
N PHE I 65 6.45 -10.77 8.16
CA PHE I 65 5.07 -11.08 8.44
C PHE I 65 4.95 -12.33 9.33
N VAL I 66 5.73 -13.36 9.01
CA VAL I 66 5.73 -14.58 9.82
C VAL I 66 6.19 -14.28 11.23
N ASN I 67 7.27 -13.49 11.37
CA ASN I 67 7.74 -13.13 12.70
C ASN I 67 6.67 -12.37 13.46
N ASP I 68 5.99 -11.44 12.81
CA ASP I 68 4.97 -10.65 13.49
C ASP I 68 3.84 -11.54 13.99
N ILE I 69 3.37 -12.46 13.15
CA ILE I 69 2.26 -13.31 13.59
C ILE I 69 2.71 -14.26 14.70
N PHE I 70 3.92 -14.80 14.58
CA PHE I 70 4.44 -15.66 15.64
C PHE I 70 4.48 -14.90 16.96
N GLU I 71 4.97 -13.65 16.93
CA GLU I 71 5.02 -12.85 18.15
C GLU I 71 3.63 -12.59 18.69
N ARG I 72 2.67 -12.26 17.83
CA ARG I 72 1.31 -12.03 18.30
C ARG I 72 0.75 -13.27 19.00
N ILE I 73 0.83 -14.42 18.34
CA ILE I 73 0.23 -15.64 18.88
C ILE I 73 0.93 -16.05 20.16
N ALA I 74 2.27 -15.99 20.18
CA ALA I 74 3.00 -16.36 21.38
C ALA I 74 2.68 -15.44 22.53
N GLY I 75 2.60 -14.13 22.28
CA GLY I 75 2.25 -13.21 23.35
C GLY I 75 0.86 -13.46 23.90
N GLU I 76 -0.10 -13.71 23.01
CA GLU I 76 -1.45 -13.99 23.47
C GLU I 76 -1.51 -15.28 24.27
N ALA I 77 -0.78 -16.32 23.83
CA ALA I 77 -0.75 -17.56 24.59
C ALA I 77 -0.10 -17.36 25.95
N SER I 78 0.96 -16.55 26.00
CA SER I 78 1.60 -16.25 27.27
C SER I 78 0.63 -15.55 28.21
N ARG I 79 -0.11 -14.56 27.70
CA ARG I 79 -1.07 -13.87 28.54
C ARG I 79 -2.18 -14.80 29.01
N LEU I 80 -2.63 -15.70 28.14
CA LEU I 80 -3.65 -16.67 28.53
C LEU I 80 -3.15 -17.56 29.67
N ALA I 81 -1.94 -18.10 29.52
CA ALA I 81 -1.39 -18.96 30.56
C ALA I 81 -1.25 -18.18 31.86
N HIS I 82 -0.79 -16.93 31.79
CA HIS I 82 -0.66 -16.12 32.99
C HIS I 82 -2.01 -15.87 33.65
N TYR I 83 -3.04 -15.58 32.85
CA TYR I 83 -4.37 -15.33 33.39
C TYR I 83 -4.90 -16.57 34.10
N ASN I 84 -4.75 -17.74 33.48
CA ASN I 84 -5.29 -18.96 34.04
C ASN I 84 -4.36 -19.62 35.06
N LYS I 85 -3.36 -18.90 35.55
CA LYS I 85 -2.41 -19.39 36.55
C LYS I 85 -1.66 -20.63 36.09
N ARG I 86 -1.72 -20.94 34.79
CA ARG I 86 -0.97 -22.06 34.24
C ARG I 86 0.48 -21.65 34.00
N SER I 87 1.39 -22.57 34.26
CA SER I 87 2.80 -22.34 33.97
C SER I 87 3.19 -22.76 32.56
N THR I 88 2.41 -23.63 31.93
CA THR I 88 2.73 -24.20 30.63
C THR I 88 1.87 -23.56 29.55
N ILE I 89 2.41 -23.47 28.34
CA ILE I 89 1.64 -23.19 27.14
C ILE I 89 1.64 -24.44 26.29
N THR I 90 0.45 -24.94 25.97
CA THR I 90 0.29 -26.18 25.25
C THR I 90 -0.50 -25.93 23.98
N SER I 91 -0.86 -27.01 23.29
CA SER I 91 -1.65 -26.88 22.07
C SER I 91 -2.95 -26.14 22.33
N ARG I 92 -3.52 -26.29 23.52
CA ARG I 92 -4.78 -25.63 23.82
C ARG I 92 -4.63 -24.11 23.86
N GLU I 93 -3.56 -23.63 24.51
CA GLU I 93 -3.33 -22.19 24.55
C GLU I 93 -3.11 -21.64 23.16
N ILE I 94 -2.34 -22.34 22.33
CA ILE I 94 -2.13 -21.88 20.96
C ILE I 94 -3.45 -21.85 20.20
N GLN I 95 -4.30 -22.86 20.42
CA GLN I 95 -5.58 -22.91 19.71
C GLN I 95 -6.45 -21.72 20.09
N THR I 96 -6.59 -21.45 21.38
CA THR I 96 -7.43 -20.32 21.77
C THR I 96 -6.81 -18.99 21.34
N ALA I 97 -5.48 -18.89 21.35
CA ALA I 97 -4.84 -17.67 20.88
C ALA I 97 -5.10 -17.46 19.40
N VAL I 98 -5.05 -18.53 18.59
CA VAL I 98 -5.36 -18.42 17.18
C VAL I 98 -6.80 -17.98 16.99
N ARG I 99 -7.72 -18.54 17.78
CA ARG I 99 -9.11 -18.14 17.66
C ARG I 99 -9.30 -16.68 18.04
N LEU I 100 -8.51 -16.19 19.00
CA LEU I 100 -8.62 -14.78 19.39
C LEU I 100 -8.07 -13.84 18.32
N LEU I 101 -6.90 -14.17 17.75
CA LEU I 101 -6.23 -13.23 16.86
C LEU I 101 -6.83 -13.24 15.45
N LEU I 102 -7.01 -14.41 14.88
CA LEU I 102 -7.40 -14.42 13.49
C LEU I 102 -8.89 -14.15 13.32
N PRO I 103 -9.30 -13.59 12.19
CA PRO I 103 -10.74 -13.43 11.91
C PRO I 103 -11.44 -14.76 11.73
N GLY I 104 -12.75 -14.74 11.52
CA GLY I 104 -13.56 -15.94 11.54
C GLY I 104 -13.13 -17.09 10.65
N GLU I 105 -13.22 -16.93 9.34
CA GLU I 105 -12.90 -18.03 8.43
C GLU I 105 -11.44 -18.43 8.54
N LEU I 106 -10.55 -17.44 8.62
CA LEU I 106 -9.13 -17.73 8.78
C LEU I 106 -8.88 -18.51 10.07
N ALA I 107 -9.52 -18.08 11.16
CA ALA I 107 -9.34 -18.79 12.43
C ALA I 107 -9.82 -20.23 12.33
N LYS I 108 -10.99 -20.44 11.72
CA LYS I 108 -11.51 -21.79 11.62
C LYS I 108 -10.58 -22.69 10.82
N HIS I 109 -10.11 -22.21 9.66
CA HIS I 109 -9.20 -23.02 8.86
C HIS I 109 -7.89 -23.28 9.58
N ALA I 110 -7.34 -22.26 10.25
CA ALA I 110 -6.09 -22.44 10.98
C ALA I 110 -6.25 -23.45 12.10
N VAL I 111 -7.37 -23.39 12.83
CA VAL I 111 -7.62 -24.36 13.90
C VAL I 111 -7.73 -25.76 13.32
N SER I 112 -8.44 -25.91 12.20
CA SER I 112 -8.55 -27.22 11.58
C SER I 112 -7.19 -27.78 11.22
N GLU I 113 -6.35 -26.96 10.59
CA GLU I 113 -5.04 -27.44 10.18
C GLU I 113 -4.15 -27.75 11.37
N GLY I 114 -4.22 -26.93 12.41
CA GLY I 114 -3.43 -27.20 13.61
C GLY I 114 -3.83 -28.49 14.28
N THR I 115 -5.14 -28.73 14.41
CA THR I 115 -5.59 -29.98 15.01
C THR I 115 -5.17 -31.17 14.16
N LYS I 116 -5.30 -31.05 12.83
CA LYS I 116 -4.83 -32.11 11.95
C LYS I 116 -3.37 -32.42 12.20
N ALA I 117 -2.53 -31.38 12.24
CA ALA I 117 -1.09 -31.59 12.41
C ALA I 117 -0.77 -32.23 13.75
N VAL I 118 -1.41 -31.75 14.83
CA VAL I 118 -1.13 -32.31 16.15
C VAL I 118 -1.55 -33.76 16.23
N THR I 119 -2.74 -34.09 15.71
CA THR I 119 -3.19 -35.47 15.74
C THR I 119 -2.27 -36.37 14.93
N LYS I 120 -1.86 -35.92 13.75
CA LYS I 120 -0.95 -36.75 12.94
C LYS I 120 0.38 -36.94 13.65
N TYR I 121 0.92 -35.87 14.23
CA TYR I 121 2.21 -35.97 14.91
C TYR I 121 2.16 -36.92 16.09
N THR I 122 1.10 -36.82 16.90
CA THR I 122 0.99 -37.70 18.06
C THR I 122 0.60 -39.12 17.67
N SER I 123 0.05 -39.30 16.47
CA SER I 123 -0.25 -40.65 15.99
C SER I 123 1.00 -41.52 15.89
N SER I 124 2.18 -40.90 15.74
CA SER I 124 3.45 -41.60 15.77
C SER I 124 4.31 -40.94 16.85
N LYS I 125 4.16 -41.42 18.09
CA LYS I 125 4.77 -40.79 19.25
C LYS I 125 6.29 -40.81 19.16
#